data_7Y4A
#
_entry.id   7Y4A
#
_cell.length_a   74.720
_cell.length_b   63.750
_cell.length_c   115.330
_cell.angle_alpha   90.000
_cell.angle_beta   100.500
_cell.angle_gamma   90.000
#
_symmetry.space_group_name_H-M   'P 1 21 1'
#
loop_
_entity.id
_entity.type
_entity.pdbx_description
1 polymer 'Rho-related GTP-binding protein RhoG'
2 polymer 'Engulfment and cell motility protein 1'
3 non-polymer 'MAGNESIUM ION'
4 non-polymer 'PHOSPHATE ION'
5 non-polymer "GUANOSINE-5'-DIPHOSPHATE"
6 water water
#
loop_
_entity_poly.entity_id
_entity_poly.type
_entity_poly.pdbx_seq_one_letter_code
_entity_poly.pdbx_strand_id
1 'polypeptide(L)'
;GSFTSSGMQSIKCVVVGDGAVGKTCLLICYTTNAFPKEYIPTVFDNYSAQSAVDGRTVNLNLWDTAGQEEYDRLRTLSYP
QTNVFVICFSIASPPSYENVRHKWHPEVCHHCPDVPILLVGTKKDLRAQPDTLRRLKEQGQAPITPQQGQALAKQIHAVR
YLECSALQQDGVKEVFAEAVRAVLNPTPIKR
;
A,C,E,G
2 'polypeptide(L)'
;GMPPPADIVKVAIEWPGAYPKLMEIDQKKPLSAIIKEVCDGWSLANHEYFALQHADSSNFYITEKNRNEIKNGTILRLTT
SPA
;
B,D,F,H
#
# COMPACT_ATOMS: atom_id res chain seq x y z
N MET A 8 -19.58 12.66 25.03
CA MET A 8 -18.28 12.03 24.77
C MET A 8 -17.11 12.84 25.34
N GLN A 9 -15.96 12.69 24.72
CA GLN A 9 -14.73 13.32 25.19
C GLN A 9 -13.77 13.41 24.02
N SER A 10 -13.22 14.62 23.77
CA SER A 10 -12.25 14.82 22.70
C SER A 10 -10.84 14.93 23.26
N ILE A 11 -9.85 14.64 22.40
CA ILE A 11 -8.43 14.66 22.79
C ILE A 11 -7.59 15.15 21.61
N LYS A 12 -6.73 16.15 21.84
CA LYS A 12 -5.84 16.66 20.80
C LYS A 12 -4.54 15.88 20.79
N CYS A 13 -4.23 15.28 19.66
CA CYS A 13 -3.05 14.44 19.50
C CYS A 13 -2.26 14.97 18.30
N VAL A 14 -1.00 15.36 18.52
CA VAL A 14 -0.15 15.87 17.43
C VAL A 14 0.94 14.84 17.14
N VAL A 15 1.18 14.59 15.85
CA VAL A 15 2.18 13.62 15.43
C VAL A 15 3.37 14.35 14.84
N VAL A 16 4.58 14.09 15.40
CA VAL A 16 5.81 14.79 15.01
C VAL A 16 6.91 13.78 14.71
N GLY A 17 7.94 14.26 14.04
CA GLY A 17 9.09 13.46 13.67
C GLY A 17 9.66 13.91 12.34
N ASP A 18 10.83 13.37 12.04
CA ASP A 18 11.60 13.77 10.85
C ASP A 18 10.78 13.59 9.58
N GLY A 19 11.11 14.39 8.58
CA GLY A 19 10.54 14.19 7.25
C GLY A 19 10.78 12.78 6.76
N ALA A 20 9.72 12.17 6.21
CA ALA A 20 9.68 10.85 5.60
C ALA A 20 9.65 9.69 6.59
N VAL A 21 9.44 9.94 7.90
CA VAL A 21 9.40 8.80 8.82
C VAL A 21 8.08 8.06 8.75
N GLY A 22 7.01 8.68 8.25
CA GLY A 22 5.78 7.96 8.02
C GLY A 22 4.61 8.53 8.79
N LYS A 23 4.70 9.81 9.17
CA LYS A 23 3.65 10.44 9.94
C LYS A 23 2.33 10.49 9.16
N THR A 24 2.40 10.92 7.90
CA THR A 24 1.17 11.10 7.13
C THR A 24 0.50 9.75 6.87
N CYS A 25 1.28 8.74 6.47
CA CYS A 25 0.70 7.42 6.22
C CYS A 25 0.09 6.83 7.49
N LEU A 26 0.74 7.03 8.64
CA LEU A 26 0.18 6.61 9.92
C LEU A 26 -1.22 7.21 10.10
N LEU A 27 -1.33 8.52 9.96
CA LEU A 27 -2.60 9.19 10.21
C LEU A 27 -3.65 8.85 9.17
N ILE A 28 -3.27 8.81 7.89
CA ILE A 28 -4.25 8.55 6.85
C ILE A 28 -4.72 7.10 6.93
N CYS A 29 -3.81 6.19 7.27
CA CYS A 29 -4.24 4.80 7.41
C CYS A 29 -5.20 4.65 8.57
N TYR A 30 -4.91 5.31 9.69
CA TYR A 30 -5.76 5.21 10.86
C TYR A 30 -7.14 5.78 10.59
N THR A 31 -7.20 6.98 10.00
CA THR A 31 -8.49 7.68 9.80
C THR A 31 -9.26 7.27 8.54
N THR A 32 -8.59 6.77 7.48
CA THR A 32 -9.30 6.41 6.25
C THR A 32 -9.14 4.96 5.80
N ASN A 33 -8.31 4.15 6.46
CA ASN A 33 -8.02 2.75 6.07
C ASN A 33 -7.45 2.65 4.66
N ALA A 34 -6.84 3.72 4.18
CA ALA A 34 -6.22 3.76 2.87
C ALA A 34 -4.79 4.25 3.04
N PHE A 35 -3.89 3.70 2.27
CA PHE A 35 -2.49 4.11 2.29
C PHE A 35 -2.24 5.11 1.16
N PRO A 36 -1.69 6.29 1.48
CA PRO A 36 -1.48 7.32 0.45
C PRO A 36 -0.69 6.79 -0.73
N LYS A 37 -1.20 7.10 -1.94
CA LYS A 37 -0.60 6.60 -3.17
C LYS A 37 0.68 7.34 -3.52
N GLU A 38 0.76 8.64 -3.22
CA GLU A 38 1.88 9.48 -3.59
C GLU A 38 2.34 10.27 -2.38
N TYR A 39 3.65 10.35 -2.21
CA TYR A 39 4.19 11.23 -1.20
C TYR A 39 3.92 12.70 -1.57
N ILE A 40 3.34 13.43 -0.63
CA ILE A 40 3.17 14.88 -0.70
C ILE A 40 3.73 15.46 0.60
N PRO A 41 4.65 16.42 0.57
CA PRO A 41 5.07 17.06 1.81
C PRO A 41 3.88 17.66 2.53
N THR A 42 3.83 17.43 3.83
CA THR A 42 2.78 17.97 4.67
C THR A 42 3.08 19.41 5.05
N VAL A 43 2.04 20.24 5.07
CA VAL A 43 2.10 21.58 5.63
C VAL A 43 1.52 21.46 7.03
N PHE A 44 0.21 21.21 7.11
CA PHE A 44 -0.46 20.73 8.31
C PHE A 44 -1.79 20.16 7.89
N ASP A 45 -2.32 19.23 8.69
CA ASP A 45 -3.62 18.65 8.41
C ASP A 45 -4.25 18.26 9.73
N ASN A 46 -5.55 18.48 9.81
CA ASN A 46 -6.33 18.17 11.01
C ASN A 46 -7.32 17.08 10.62
N TYR A 47 -7.14 15.89 11.17
CA TYR A 47 -8.04 14.76 10.96
C TYR A 47 -8.85 14.49 12.23
N SER A 48 -9.90 13.69 12.10
CA SER A 48 -10.69 13.30 13.25
C SER A 48 -10.96 11.80 13.21
N ALA A 49 -11.12 11.23 14.41
CA ALA A 49 -11.48 9.84 14.55
C ALA A 49 -12.30 9.72 15.82
N GLN A 50 -13.26 8.81 15.80
CA GLN A 50 -14.00 8.40 16.99
C GLN A 50 -13.69 6.93 17.23
N SER A 51 -13.12 6.62 18.38
CA SER A 51 -12.59 5.29 18.64
C SER A 51 -13.10 4.75 19.97
N ALA A 52 -13.55 3.50 19.96
CA ALA A 52 -13.80 2.78 21.20
C ALA A 52 -12.46 2.41 21.82
N VAL A 53 -12.25 2.84 23.07
CA VAL A 53 -11.01 2.59 23.79
C VAL A 53 -11.39 2.13 25.18
N ASP A 54 -11.12 0.87 25.49
CA ASP A 54 -11.47 0.27 26.79
C ASP A 54 -12.94 0.51 27.12
N GLY A 55 -13.81 0.19 26.16
CA GLY A 55 -15.24 0.27 26.36
C GLY A 55 -15.81 1.68 26.40
N ARG A 56 -15.07 2.67 25.91
CA ARG A 56 -15.49 4.06 25.96
C ARG A 56 -15.25 4.71 24.62
N THR A 57 -16.16 5.57 24.19
CA THR A 57 -16.07 6.22 22.90
C THR A 57 -15.44 7.60 23.07
N VAL A 58 -14.37 7.83 22.33
CA VAL A 58 -13.55 9.03 22.49
C VAL A 58 -13.38 9.67 21.12
N ASN A 59 -13.32 10.99 21.10
CA ASN A 59 -13.06 11.74 19.89
C ASN A 59 -11.59 12.15 19.85
N LEU A 60 -10.93 11.88 18.74
CA LEU A 60 -9.53 12.23 18.57
C LEU A 60 -9.43 13.37 17.57
N ASN A 61 -8.81 14.46 17.99
CA ASN A 61 -8.54 15.62 17.15
C ASN A 61 -7.07 15.49 16.78
N LEU A 62 -6.79 15.01 15.55
CA LEU A 62 -5.47 14.55 15.14
C LEU A 62 -4.79 15.59 14.26
N TRP A 63 -3.51 15.85 14.52
CA TRP A 63 -2.79 16.81 13.71
C TRP A 63 -1.55 16.19 13.07
N ASP A 64 -1.45 16.36 11.75
CA ASP A 64 -0.26 16.05 10.96
C ASP A 64 0.61 17.31 10.82
N THR A 65 1.92 17.12 10.85
CA THR A 65 2.85 18.25 10.88
C THR A 65 3.91 18.07 9.81
N ALA A 66 4.57 19.18 9.47
CA ALA A 66 5.73 19.16 8.60
C ALA A 66 6.97 18.89 9.45
N GLY A 67 7.69 17.81 9.14
CA GLY A 67 8.92 17.50 9.86
C GLY A 67 10.15 18.32 9.46
N GLN A 68 10.07 19.09 8.39
CA GLN A 68 11.22 19.81 7.89
C GLN A 68 11.52 21.04 8.74
N GLU A 69 12.83 21.29 8.91
CA GLU A 69 13.27 22.48 9.65
C GLU A 69 12.72 23.76 9.05
N GLU A 70 12.47 23.77 7.74
CA GLU A 70 11.90 24.95 7.09
C GLU A 70 10.60 25.42 7.72
N TYR A 71 9.84 24.51 8.32
CA TYR A 71 8.54 24.84 8.91
C TYR A 71 8.56 24.72 10.43
N ASP A 72 9.73 24.90 11.04
CA ASP A 72 9.86 24.83 12.50
C ASP A 72 8.84 25.72 13.20
N ARG A 73 8.76 27.00 12.83
CA ARG A 73 7.88 27.89 13.59
C ARG A 73 6.41 27.54 13.35
N LEU A 74 6.06 27.23 12.10
CA LEU A 74 4.71 26.78 11.78
C LEU A 74 4.32 25.59 12.63
N ARG A 75 5.21 24.60 12.75
CA ARG A 75 4.87 23.38 13.47
C ARG A 75 4.58 23.69 14.93
N THR A 76 5.35 24.58 15.55
CA THR A 76 5.14 24.83 16.97
C THR A 76 3.88 25.63 17.21
N LEU A 77 3.33 26.30 16.19
CA LEU A 77 2.01 26.93 16.31
C LEU A 77 0.86 25.93 16.40
N SER A 78 1.10 24.67 16.06
CA SER A 78 0.09 23.62 16.21
C SER A 78 0.10 22.98 17.60
N TYR A 79 1.10 23.29 18.44
CA TYR A 79 1.28 22.62 19.72
C TYR A 79 0.39 23.10 20.88
N PRO A 80 -0.01 24.38 20.99
CA PRO A 80 -0.83 24.78 22.13
C PRO A 80 -2.05 23.90 22.31
N GLN A 81 -2.33 23.54 23.57
CA GLN A 81 -3.47 22.75 24.00
C GLN A 81 -3.39 21.29 23.57
N THR A 82 -2.24 20.81 23.12
CA THR A 82 -2.08 19.40 22.81
C THR A 82 -2.18 18.58 24.10
N ASN A 83 -2.91 17.46 24.04
CA ASN A 83 -3.00 16.55 25.17
C ASN A 83 -2.02 15.39 25.09
N VAL A 84 -1.54 15.03 23.92
CA VAL A 84 -0.60 13.92 23.79
C VAL A 84 0.14 14.08 22.48
N PHE A 85 1.45 13.81 22.53
CA PHE A 85 2.28 13.80 21.34
C PHE A 85 2.63 12.37 20.99
N VAL A 86 2.59 12.07 19.68
CA VAL A 86 3.08 10.82 19.12
C VAL A 86 4.36 11.19 18.39
N ILE A 87 5.51 10.78 18.93
CA ILE A 87 6.79 11.07 18.31
C ILE A 87 7.20 9.84 17.52
N CYS A 88 7.39 9.99 16.21
CA CYS A 88 7.72 8.88 15.34
C CYS A 88 9.18 8.95 14.93
N PHE A 89 9.81 7.80 14.86
CA PHE A 89 11.02 7.62 14.07
C PHE A 89 10.81 6.40 13.18
N SER A 90 11.48 6.36 12.04
CA SER A 90 11.43 5.18 11.19
C SER A 90 12.43 4.13 11.65
N ILE A 91 11.97 2.88 11.78
CA ILE A 91 12.85 1.77 12.12
C ILE A 91 13.93 1.61 11.06
N ALA A 92 13.63 2.03 9.84
CA ALA A 92 14.57 1.94 8.73
C ALA A 92 15.46 3.18 8.57
N SER A 93 15.44 4.10 9.53
CA SER A 93 16.30 5.29 9.47
C SER A 93 16.80 5.68 10.85
N PRO A 94 17.94 5.13 11.25
CA PRO A 94 18.51 5.46 12.57
C PRO A 94 18.75 6.95 12.77
N PRO A 95 19.06 7.74 11.72
CA PRO A 95 19.14 9.18 11.96
C PRO A 95 17.86 9.78 12.52
N SER A 96 16.68 9.27 12.12
CA SER A 96 15.44 9.83 12.65
C SER A 96 15.25 9.47 14.11
N TYR A 97 15.81 8.33 14.54
CA TYR A 97 15.81 7.93 15.95
C TYR A 97 16.66 8.89 16.77
N GLU A 98 17.87 9.19 16.29
CA GLU A 98 18.70 10.15 17.01
C GLU A 98 18.04 11.52 17.08
N ASN A 99 17.25 11.90 16.07
CA ASN A 99 16.65 13.23 16.15
C ASN A 99 15.49 13.27 17.14
N VAL A 100 14.97 12.12 17.56
CA VAL A 100 14.05 12.11 18.69
C VAL A 100 14.74 12.66 19.93
N ARG A 101 15.97 12.22 20.17
CA ARG A 101 16.73 12.67 21.34
C ARG A 101 17.15 14.12 21.19
N HIS A 102 17.50 14.54 19.97
CA HIS A 102 18.14 15.84 19.80
C HIS A 102 17.17 16.94 19.41
N LYS A 103 16.04 16.60 18.80
CA LYS A 103 15.12 17.64 18.33
C LYS A 103 13.72 17.44 18.90
N TRP A 104 13.10 16.29 18.64
CA TRP A 104 11.66 16.17 18.81
C TRP A 104 11.25 16.12 20.28
N HIS A 105 11.94 15.33 21.09
CA HIS A 105 11.57 15.26 22.50
C HIS A 105 11.83 16.61 23.17
N PRO A 106 12.98 17.24 23.00
CA PRO A 106 13.17 18.56 23.62
C PRO A 106 12.20 19.62 23.09
N GLU A 107 11.87 19.61 21.81
CA GLU A 107 11.00 20.65 21.26
C GLU A 107 9.59 20.52 21.82
N VAL A 108 9.01 19.32 21.84
CA VAL A 108 7.64 19.26 22.34
C VAL A 108 7.61 19.56 23.84
N CYS A 109 8.63 19.14 24.60
CA CYS A 109 8.63 19.44 26.04
C CYS A 109 8.82 20.93 26.31
N HIS A 110 9.66 21.60 25.49
CA HIS A 110 9.83 23.04 25.60
C HIS A 110 8.50 23.76 25.46
N HIS A 111 7.68 23.36 24.49
CA HIS A 111 6.43 24.05 24.19
C HIS A 111 5.27 23.57 25.04
N CYS A 112 5.24 22.30 25.45
CA CYS A 112 4.10 21.74 26.17
C CYS A 112 4.66 20.96 27.35
N PRO A 113 5.07 21.66 28.41
CA PRO A 113 5.69 20.97 29.55
C PRO A 113 4.79 19.89 30.12
N ASP A 114 5.40 18.72 30.34
CA ASP A 114 4.81 17.52 30.96
C ASP A 114 3.75 16.83 30.11
N VAL A 115 3.52 17.27 28.88
CA VAL A 115 2.49 16.59 28.08
C VAL A 115 2.95 15.18 27.74
N PRO A 116 2.09 14.16 27.86
CA PRO A 116 2.52 12.78 27.64
C PRO A 116 3.03 12.54 26.23
N ILE A 117 4.01 11.65 26.12
CA ILE A 117 4.62 11.33 24.84
C ILE A 117 4.49 9.82 24.61
N LEU A 118 4.01 9.44 23.43
CA LEU A 118 4.07 8.07 22.96
C LEU A 118 5.17 8.00 21.92
N LEU A 119 6.10 7.06 22.07
CA LEU A 119 7.16 6.86 21.09
C LEU A 119 6.78 5.73 20.14
N VAL A 120 6.88 5.99 18.82
CA VAL A 120 6.40 5.04 17.81
C VAL A 120 7.49 4.80 16.79
N GLY A 121 7.87 3.53 16.63
CA GLY A 121 8.75 3.11 15.55
C GLY A 121 7.92 2.70 14.35
N THR A 122 8.10 3.39 13.23
CA THR A 122 7.32 3.20 12.02
C THR A 122 8.06 2.32 11.01
N LYS A 123 7.29 1.85 10.02
CA LYS A 123 7.82 1.07 8.90
C LYS A 123 8.45 -0.24 9.35
N LYS A 124 7.83 -0.92 10.34
CA LYS A 124 8.44 -2.16 10.84
C LYS A 124 8.52 -3.23 9.74
N ASP A 125 7.72 -3.11 8.68
CA ASP A 125 7.80 -4.04 7.55
C ASP A 125 9.14 -3.96 6.82
N LEU A 126 9.92 -2.91 7.05
CA LEU A 126 11.21 -2.80 6.39
C LEU A 126 12.34 -3.43 7.18
N ARG A 127 12.11 -3.75 8.47
CA ARG A 127 13.19 -4.20 9.36
C ARG A 127 13.95 -5.38 8.77
N ALA A 128 13.24 -6.31 8.12
CA ALA A 128 13.89 -7.49 7.57
C ALA A 128 13.84 -7.53 6.04
N GLN A 129 13.60 -6.39 5.40
CA GLN A 129 13.60 -6.39 3.94
C GLN A 129 15.04 -6.38 3.43
N PRO A 130 15.43 -7.33 2.58
CA PRO A 130 16.83 -7.39 2.14
C PRO A 130 17.34 -6.10 1.52
N ASP A 131 16.52 -5.44 0.69
CA ASP A 131 17.01 -4.23 0.02
C ASP A 131 17.29 -3.12 1.02
N THR A 132 16.39 -2.90 1.99
CA THR A 132 16.65 -1.91 3.04
C THR A 132 17.92 -2.26 3.82
N LEU A 133 18.05 -3.54 4.19
CA LEU A 133 19.22 -3.97 4.92
C LEU A 133 20.49 -3.69 4.14
N ARG A 134 20.47 -3.94 2.83
CA ARG A 134 21.64 -3.69 2.00
C ARG A 134 21.93 -2.20 1.87
N ARG A 135 20.89 -1.38 1.70
CA ARG A 135 21.12 0.05 1.58
C ARG A 135 21.65 0.63 2.90
N LEU A 136 21.09 0.21 4.03
CA LEU A 136 21.60 0.71 5.30
C LEU A 136 23.03 0.24 5.55
N LYS A 137 23.37 -0.97 5.10
CA LYS A 137 24.72 -1.47 5.31
C LYS A 137 25.76 -0.63 4.58
N GLU A 138 25.42 -0.14 3.39
CA GLU A 138 26.32 0.77 2.67
C GLU A 138 26.49 2.10 3.40
N GLN A 139 25.55 2.47 4.26
CA GLN A 139 25.70 3.62 5.14
C GLN A 139 26.25 3.25 6.51
N GLY A 140 26.79 2.04 6.67
CA GLY A 140 27.34 1.62 7.95
C GLY A 140 26.31 1.49 9.04
N GLN A 141 25.07 1.16 8.67
CA GLN A 141 23.94 1.19 9.59
C GLN A 141 23.12 -0.09 9.52
N ALA A 142 22.17 -0.21 10.44
CA ALA A 142 21.23 -1.31 10.47
C ALA A 142 19.92 -0.79 11.05
N PRO A 143 18.80 -1.48 10.82
CA PRO A 143 17.52 -1.00 11.35
C PRO A 143 17.51 -0.95 12.87
N ILE A 144 16.70 -0.03 13.42
CA ILE A 144 16.52 0.04 14.86
C ILE A 144 15.90 -1.25 15.37
N THR A 145 16.42 -1.79 16.50
CA THR A 145 15.84 -2.98 17.11
C THR A 145 14.75 -2.60 18.10
N PRO A 146 13.82 -3.51 18.40
CA PRO A 146 12.78 -3.17 19.40
C PRO A 146 13.37 -2.79 20.75
N GLN A 147 14.45 -3.45 21.18
CA GLN A 147 15.07 -3.13 22.46
C GLN A 147 15.62 -1.71 22.45
N GLN A 148 16.22 -1.28 21.33
CA GLN A 148 16.65 0.12 21.19
C GLN A 148 15.47 1.08 21.27
N GLY A 149 14.33 0.72 20.69
CA GLY A 149 13.15 1.55 20.79
C GLY A 149 12.67 1.68 22.23
N GLN A 150 12.64 0.57 22.96
CA GLN A 150 12.31 0.62 24.38
C GLN A 150 13.28 1.49 25.14
N ALA A 151 14.58 1.36 24.85
CA ALA A 151 15.59 2.14 25.56
C ALA A 151 15.40 3.64 25.34
N LEU A 152 15.01 4.03 24.13
CA LEU A 152 14.78 5.46 23.86
C LEU A 152 13.53 5.94 24.60
N ALA A 153 12.46 5.15 24.56
CA ALA A 153 11.26 5.48 25.31
C ALA A 153 11.58 5.68 26.79
N LYS A 154 12.38 4.79 27.35
CA LYS A 154 12.78 4.93 28.75
C LYS A 154 13.54 6.23 28.95
N GLN A 155 14.45 6.55 28.03
CA GLN A 155 15.31 7.72 28.17
C GLN A 155 14.50 9.01 28.18
N ILE A 156 13.46 9.11 27.34
CA ILE A 156 12.68 10.35 27.22
C ILE A 156 11.41 10.32 28.07
N HIS A 157 11.21 9.28 28.87
CA HIS A 157 10.04 9.16 29.75
C HIS A 157 8.75 9.10 28.93
N ALA A 158 8.82 8.47 27.76
CA ALA A 158 7.62 8.14 27.01
C ALA A 158 6.74 7.20 27.82
N VAL A 159 5.42 7.31 27.64
CA VAL A 159 4.51 6.41 28.32
C VAL A 159 4.70 4.97 27.83
N ARG A 160 5.18 4.80 26.60
CA ARG A 160 5.23 3.49 25.97
C ARG A 160 6.00 3.63 24.66
N TYR A 161 6.66 2.55 24.27
CA TYR A 161 7.17 2.39 22.92
C TYR A 161 6.28 1.41 22.17
N LEU A 162 5.89 1.78 20.95
CA LEU A 162 5.08 0.94 20.10
C LEU A 162 5.68 0.89 18.70
N GLU A 163 5.49 -0.23 18.02
CA GLU A 163 5.93 -0.31 16.63
C GLU A 163 4.73 -0.55 15.72
N CYS A 164 4.82 -0.02 14.49
CA CYS A 164 3.74 -0.25 13.53
C CYS A 164 4.29 -0.26 12.11
N SER A 165 3.47 -0.81 11.20
CA SER A 165 3.66 -0.65 9.75
C SER A 165 2.32 -0.16 9.22
N ALA A 166 2.24 1.13 8.89
CA ALA A 166 1.02 1.63 8.26
C ALA A 166 0.76 0.92 6.94
N LEU A 167 1.83 0.53 6.24
CA LEU A 167 1.68 -0.09 4.92
C LEU A 167 0.94 -1.41 5.03
N GLN A 168 1.26 -2.21 6.05
CA GLN A 168 0.59 -3.48 6.30
C GLN A 168 -0.64 -3.32 7.17
N GLN A 169 -0.93 -2.12 7.65
CA GLN A 169 -2.02 -1.87 8.59
C GLN A 169 -1.85 -2.74 9.83
N ASP A 170 -0.61 -2.73 10.35
CA ASP A 170 -0.16 -3.58 11.44
C ASP A 170 0.21 -2.68 12.61
N GLY A 171 -0.60 -2.70 13.66
CA GLY A 171 -0.31 -1.98 14.88
C GLY A 171 -0.75 -0.53 14.90
N VAL A 172 -1.43 -0.04 13.85
CA VAL A 172 -1.78 1.36 13.79
C VAL A 172 -2.88 1.70 14.80
N LYS A 173 -3.90 0.85 14.91
CA LYS A 173 -4.99 1.09 15.85
C LYS A 173 -4.47 1.19 17.29
N GLU A 174 -3.48 0.37 17.62
CA GLU A 174 -2.96 0.31 18.97
C GLU A 174 -2.19 1.59 19.33
N VAL A 175 -1.54 2.23 18.37
CA VAL A 175 -0.86 3.50 18.65
C VAL A 175 -1.84 4.53 19.17
N PHE A 176 -2.96 4.71 18.47
CA PHE A 176 -3.84 5.78 18.91
C PHE A 176 -4.68 5.39 20.12
N ALA A 177 -4.92 4.10 20.34
CA ALA A 177 -5.57 3.69 21.59
C ALA A 177 -4.66 3.98 22.77
N GLU A 178 -3.37 3.72 22.62
CA GLU A 178 -2.45 4.04 23.71
C GLU A 178 -2.32 5.54 23.92
N ALA A 179 -2.41 6.32 22.83
CA ALA A 179 -2.40 7.78 22.96
C ALA A 179 -3.58 8.24 23.79
N VAL A 180 -4.76 7.68 23.56
CA VAL A 180 -5.94 8.01 24.35
C VAL A 180 -5.69 7.67 25.81
N ARG A 181 -5.16 6.46 26.09
CA ARG A 181 -4.97 6.03 27.46
C ARG A 181 -3.98 6.93 28.19
N ALA A 182 -3.01 7.49 27.47
CA ALA A 182 -2.07 8.43 28.08
C ALA A 182 -2.77 9.68 28.60
N VAL A 183 -3.90 10.05 28.01
CA VAL A 183 -4.63 11.21 28.49
C VAL A 183 -5.67 10.82 29.52
N LEU A 184 -6.44 9.77 29.25
CA LEU A 184 -7.55 9.42 30.12
C LEU A 184 -7.12 8.69 31.38
N ASN A 185 -6.07 7.87 31.30
CA ASN A 185 -5.58 7.08 32.43
C ASN A 185 -4.13 7.45 32.70
N PRO A 186 -3.88 8.67 33.14
CA PRO A 186 -2.51 9.10 33.41
C PRO A 186 -1.80 8.17 34.38
N THR A 187 -0.59 7.78 34.03
CA THR A 187 0.39 6.97 34.70
C THR A 187 1.41 7.87 35.39
N PRO A 188 1.83 7.54 36.61
CA PRO A 188 2.80 8.39 37.31
C PRO A 188 4.25 8.04 36.96
N MET B 2 3.61 31.57 -15.10
CA MET B 2 2.36 31.49 -15.87
C MET B 2 1.24 30.59 -15.30
N PRO B 3 1.55 29.48 -14.63
CA PRO B 3 0.47 28.66 -14.08
C PRO B 3 -0.33 29.45 -13.06
N PRO B 4 -1.63 29.17 -12.96
CA PRO B 4 -2.48 29.99 -12.10
C PRO B 4 -2.20 29.70 -10.64
N PRO B 5 -2.47 30.64 -9.74
CA PRO B 5 -2.30 30.38 -8.31
C PRO B 5 -3.35 29.40 -7.80
N ALA B 6 -3.06 28.79 -6.65
CA ALA B 6 -3.99 27.89 -6.00
C ALA B 6 -5.21 28.66 -5.51
N ASP B 7 -6.37 27.98 -5.53
CA ASP B 7 -7.59 28.59 -5.02
C ASP B 7 -7.79 28.35 -3.53
N ILE B 8 -6.96 27.53 -2.91
CA ILE B 8 -6.96 27.32 -1.47
C ILE B 8 -5.51 27.30 -1.02
N VAL B 9 -5.23 27.96 0.11
CA VAL B 9 -3.87 28.03 0.67
C VAL B 9 -3.95 27.84 2.17
N LYS B 10 -2.97 27.12 2.73
CA LYS B 10 -2.86 26.85 4.16
C LYS B 10 -1.96 27.88 4.82
N VAL B 11 -2.43 28.47 5.93
CA VAL B 11 -1.66 29.46 6.68
C VAL B 11 -1.91 29.28 8.17
N ALA B 12 -0.98 29.78 8.98
CA ALA B 12 -1.17 29.94 10.42
C ALA B 12 -1.38 31.42 10.71
N ILE B 13 -2.29 31.75 11.63
CA ILE B 13 -2.53 33.15 11.98
C ILE B 13 -2.37 33.32 13.48
N GLU B 14 -1.56 34.30 13.87
CA GLU B 14 -1.31 34.59 15.27
C GLU B 14 -2.12 35.81 15.70
N TRP B 15 -2.53 35.79 16.94
CA TRP B 15 -3.16 36.96 17.55
C TRP B 15 -2.57 37.05 18.95
N PRO B 16 -1.71 38.05 19.22
CA PRO B 16 -0.95 38.06 20.48
C PRO B 16 -1.84 37.91 21.71
N GLY B 17 -1.56 36.87 22.50
CA GLY B 17 -2.34 36.59 23.68
C GLY B 17 -3.38 35.49 23.53
N ALA B 18 -3.69 35.10 22.29
CA ALA B 18 -4.62 34.03 22.00
C ALA B 18 -3.88 32.85 21.40
N TYR B 19 -4.55 31.70 21.34
CA TYR B 19 -3.96 30.54 20.68
C TYR B 19 -3.98 30.72 19.16
N PRO B 20 -2.95 30.29 18.46
CA PRO B 20 -2.90 30.48 17.01
C PRO B 20 -3.91 29.62 16.27
N LYS B 21 -4.26 30.07 15.06
CA LYS B 21 -5.22 29.40 14.20
C LYS B 21 -4.54 28.89 12.95
N LEU B 22 -4.64 27.59 12.71
CA LEU B 22 -4.16 27.00 11.48
C LEU B 22 -5.37 26.75 10.59
N MET B 23 -5.42 27.41 9.43
CA MET B 23 -6.59 27.29 8.58
C MET B 23 -6.21 27.28 7.12
N GLU B 24 -7.17 26.84 6.29
CA GLU B 24 -7.12 26.96 4.85
C GLU B 24 -7.94 28.17 4.40
N ILE B 25 -7.35 29.01 3.57
CA ILE B 25 -7.97 30.23 3.07
C ILE B 25 -8.57 29.92 1.72
N ASP B 26 -9.88 30.16 1.56
CA ASP B 26 -10.51 30.11 0.24
C ASP B 26 -10.17 31.39 -0.48
N GLN B 27 -9.32 31.30 -1.51
CA GLN B 27 -8.85 32.47 -2.25
C GLN B 27 -9.92 33.07 -3.15
N LYS B 28 -11.06 32.41 -3.32
CA LYS B 28 -12.17 33.00 -4.05
C LYS B 28 -13.12 33.76 -3.13
N LYS B 29 -12.97 33.59 -1.83
CA LYS B 29 -13.69 34.34 -0.81
C LYS B 29 -13.00 35.68 -0.57
N PRO B 30 -13.76 36.77 -0.44
CA PRO B 30 -13.13 38.05 -0.14
C PRO B 30 -12.28 37.96 1.12
N LEU B 31 -11.18 38.72 1.12
CA LEU B 31 -10.30 38.80 2.29
C LEU B 31 -11.04 39.27 3.53
N SER B 32 -12.03 40.15 3.36
CA SER B 32 -12.83 40.61 4.50
C SER B 32 -13.60 39.47 5.14
N ALA B 33 -14.09 38.53 4.33
CA ALA B 33 -14.79 37.37 4.90
C ALA B 33 -13.81 36.46 5.60
N ILE B 34 -12.60 36.33 5.06
CA ILE B 34 -11.57 35.54 5.72
C ILE B 34 -11.25 36.14 7.08
N ILE B 35 -11.08 37.46 7.13
CA ILE B 35 -10.76 38.12 8.39
C ILE B 35 -11.91 37.97 9.37
N LYS B 36 -13.16 38.05 8.88
CA LYS B 36 -14.31 37.87 9.76
C LYS B 36 -14.31 36.46 10.38
N GLU B 37 -13.98 35.45 9.58
CA GLU B 37 -13.89 34.09 10.10
C GLU B 37 -12.82 33.99 11.17
N VAL B 38 -11.64 34.54 10.89
CA VAL B 38 -10.52 34.56 11.83
C VAL B 38 -10.94 35.26 13.13
N CYS B 39 -11.47 36.47 13.00
CA CYS B 39 -11.93 37.24 14.16
C CYS B 39 -12.98 36.49 14.97
N ASP B 40 -13.95 35.86 14.28
CA ASP B 40 -14.99 35.11 14.98
C ASP B 40 -14.38 34.08 15.93
N GLY B 41 -13.31 33.41 15.49
CA GLY B 41 -12.71 32.37 16.30
C GLY B 41 -12.13 32.88 17.59
N TRP B 42 -11.73 34.15 17.62
CA TRP B 42 -11.12 34.75 18.79
C TRP B 42 -12.09 35.67 19.53
N SER B 43 -13.39 35.47 19.32
CA SER B 43 -14.43 36.27 19.97
C SER B 43 -14.24 37.76 19.69
N LEU B 44 -13.85 38.09 18.45
CA LEU B 44 -13.66 39.48 18.05
C LEU B 44 -14.72 39.86 17.03
N ALA B 45 -15.31 41.03 17.23
CA ALA B 45 -16.22 41.61 16.25
C ALA B 45 -15.51 42.74 15.50
N ASN B 46 -16.27 43.50 14.72
CA ASN B 46 -15.71 44.67 14.04
C ASN B 46 -14.56 44.31 13.10
N HIS B 47 -14.71 43.22 12.37
CA HIS B 47 -13.60 42.71 11.57
C HIS B 47 -13.05 43.74 10.59
N GLU B 48 -13.84 44.71 10.16
CA GLU B 48 -13.31 45.66 9.20
C GLU B 48 -12.27 46.59 9.82
N TYR B 49 -12.11 46.55 11.14
CA TYR B 49 -11.03 47.29 11.79
C TYR B 49 -9.74 46.49 11.90
N PHE B 50 -9.69 45.30 11.31
CA PHE B 50 -8.53 44.43 11.41
C PHE B 50 -7.91 44.19 10.05
N ALA B 51 -6.66 43.76 10.07
CA ALA B 51 -5.93 43.39 8.86
C ALA B 51 -5.05 42.17 9.15
N LEU B 52 -4.61 41.51 8.08
CA LEU B 52 -3.64 40.43 8.18
C LEU B 52 -2.29 40.94 7.69
N GLN B 53 -1.23 40.66 8.44
CA GLN B 53 0.09 41.05 7.98
C GLN B 53 1.09 39.93 8.23
N HIS B 54 2.10 39.88 7.36
CA HIS B 54 3.14 38.87 7.45
C HIS B 54 3.74 38.86 8.84
N ALA B 55 3.81 37.67 9.45
CA ALA B 55 4.41 37.56 10.77
C ALA B 55 5.94 37.64 10.72
N ASP B 56 6.56 37.33 9.59
CA ASP B 56 8.00 37.32 9.49
C ASP B 56 8.51 38.76 9.33
N SER B 57 9.81 38.90 9.07
CA SER B 57 10.49 40.19 9.20
C SER B 57 10.01 41.23 8.19
N SER B 58 9.30 40.82 7.14
CA SER B 58 8.83 41.78 6.14
C SER B 58 7.70 42.63 6.68
N ASN B 59 6.78 42.04 7.43
CA ASN B 59 5.64 42.73 8.03
C ASN B 59 4.76 43.42 6.97
N PHE B 60 4.79 42.95 5.74
CA PHE B 60 3.87 43.46 4.72
C PHE B 60 2.43 43.14 5.08
N TYR B 61 1.52 44.08 4.79
CA TYR B 61 0.10 43.79 4.94
C TYR B 61 -0.41 42.97 3.76
N ILE B 62 -1.34 42.06 4.06
CA ILE B 62 -1.97 41.22 3.04
C ILE B 62 -3.12 42.01 2.42
N THR B 63 -3.20 41.99 1.09
CA THR B 63 -4.24 42.72 0.38
C THR B 63 -4.87 41.81 -0.66
N GLU B 64 -6.00 42.25 -1.21
CA GLU B 64 -6.60 41.54 -2.34
C GLU B 64 -5.64 41.40 -3.50
N LYS B 65 -4.74 42.38 -3.69
CA LYS B 65 -3.85 42.37 -4.82
C LYS B 65 -2.60 41.53 -4.61
N ASN B 66 -2.23 41.22 -3.36
CA ASN B 66 -1.07 40.36 -3.15
C ASN B 66 -1.39 39.01 -2.54
N ARG B 67 -2.65 38.72 -2.17
CA ARG B 67 -2.93 37.46 -1.48
C ARG B 67 -2.59 36.25 -2.34
N ASN B 68 -2.53 36.42 -3.65
CA ASN B 68 -2.12 35.38 -4.59
C ASN B 68 -0.67 34.96 -4.42
N GLU B 69 0.14 35.76 -3.75
CA GLU B 69 1.55 35.43 -3.56
C GLU B 69 1.81 34.65 -2.28
N ILE B 70 0.78 34.40 -1.47
CA ILE B 70 0.96 33.65 -0.22
C ILE B 70 1.17 32.17 -0.55
N LYS B 71 2.24 31.61 -0.02
CA LYS B 71 2.52 30.19 -0.20
C LYS B 71 1.96 29.38 0.96
N ASN B 72 1.75 28.08 0.71
CA ASN B 72 1.33 27.19 1.78
C ASN B 72 2.36 27.21 2.92
N GLY B 73 1.87 27.34 4.15
CA GLY B 73 2.75 27.33 5.30
C GLY B 73 3.18 28.68 5.80
N THR B 74 2.72 29.76 5.17
CA THR B 74 3.03 31.12 5.62
C THR B 74 2.34 31.46 6.93
N ILE B 75 3.08 32.13 7.83
CA ILE B 75 2.56 32.58 9.11
C ILE B 75 2.16 34.05 9.00
N LEU B 76 0.90 34.34 9.37
CA LEU B 76 0.35 35.67 9.33
C LEU B 76 0.00 36.11 10.75
N ARG B 77 -0.18 37.42 10.91
CA ARG B 77 -0.55 37.99 12.20
C ARG B 77 -1.77 38.86 12.01
N LEU B 78 -2.78 38.68 12.87
CA LEU B 78 -3.93 39.57 12.94
C LEU B 78 -3.53 40.86 13.65
N THR B 79 -3.85 41.99 13.03
CA THR B 79 -3.46 43.28 13.57
C THR B 79 -4.58 44.27 13.26
N THR B 80 -4.42 45.50 13.75
CA THR B 80 -5.35 46.55 13.40
C THR B 80 -5.05 47.05 11.99
N SER B 81 -6.11 47.36 11.24
CA SER B 81 -5.91 47.88 9.90
C SER B 81 -5.17 49.22 9.98
N PRO B 82 -4.28 49.51 9.04
CA PRO B 82 -3.56 50.79 9.09
C PRO B 82 -4.53 51.95 8.98
N ALA B 83 -5.32 51.97 7.92
CA ALA B 83 -6.30 53.03 7.71
C ALA B 83 -7.71 52.54 8.00
N MET C 8 5.65 -2.62 -31.99
CA MET C 8 6.78 -3.44 -31.58
C MET C 8 6.36 -4.89 -31.36
N GLN C 9 7.32 -5.71 -30.94
CA GLN C 9 7.03 -7.11 -30.66
C GLN C 9 6.05 -7.23 -29.52
N SER C 10 5.15 -8.22 -29.62
CA SER C 10 4.10 -8.43 -28.64
C SER C 10 4.33 -9.75 -27.92
N ILE C 11 4.20 -9.74 -26.59
CA ILE C 11 4.42 -10.92 -25.77
C ILE C 11 3.20 -11.11 -24.88
N LYS C 12 2.54 -12.25 -25.00
CA LYS C 12 1.40 -12.59 -24.16
C LYS C 12 1.88 -13.32 -22.91
N CYS C 13 1.56 -12.75 -21.75
CA CYS C 13 1.96 -13.27 -20.45
C CYS C 13 0.71 -13.46 -19.58
N VAL C 14 0.53 -14.67 -19.08
CA VAL C 14 -0.63 -15.02 -18.27
C VAL C 14 -0.16 -15.36 -16.86
N VAL C 15 -0.82 -14.80 -15.85
CA VAL C 15 -0.46 -14.97 -14.46
C VAL C 15 -1.49 -15.90 -13.81
N VAL C 16 -1.00 -16.97 -13.17
CA VAL C 16 -1.89 -17.96 -12.57
C VAL C 16 -1.42 -18.24 -11.15
N GLY C 17 -2.30 -18.84 -10.37
CA GLY C 17 -1.97 -19.15 -8.99
C GLY C 17 -3.23 -19.16 -8.16
N ASP C 18 -3.10 -19.74 -6.96
CA ASP C 18 -4.24 -19.89 -6.07
C ASP C 18 -4.92 -18.54 -5.81
N GLY C 19 -6.21 -18.61 -5.49
CA GLY C 19 -6.91 -17.44 -5.00
C GLY C 19 -6.16 -16.77 -3.86
N ALA C 20 -6.03 -15.45 -3.94
CA ALA C 20 -5.48 -14.57 -2.90
C ALA C 20 -3.98 -14.66 -2.74
N VAL C 21 -3.25 -15.29 -3.68
CA VAL C 21 -1.79 -15.25 -3.56
C VAL C 21 -1.21 -13.88 -3.90
N GLY C 22 -1.92 -13.04 -4.64
CA GLY C 22 -1.42 -11.71 -4.94
C GLY C 22 -1.25 -11.42 -6.42
N LYS C 23 -1.95 -12.18 -7.25
CA LYS C 23 -1.81 -12.04 -8.70
C LYS C 23 -2.25 -10.66 -9.17
N THR C 24 -3.43 -10.22 -8.75
CA THR C 24 -3.98 -8.97 -9.23
C THR C 24 -3.17 -7.78 -8.75
N CYS C 25 -2.76 -7.77 -7.47
CA CYS C 25 -1.92 -6.70 -6.98
C CYS C 25 -0.59 -6.65 -7.73
N LEU C 26 -0.03 -7.81 -8.08
CA LEU C 26 1.23 -7.82 -8.81
C LEU C 26 1.07 -7.16 -10.18
N LEU C 27 0.01 -7.52 -10.91
CA LEU C 27 -0.22 -6.95 -12.23
C LEU C 27 -0.57 -5.46 -12.18
N ILE C 28 -1.40 -5.06 -11.20
CA ILE C 28 -1.80 -3.66 -11.18
C ILE C 28 -0.67 -2.80 -10.65
N CYS C 29 0.15 -3.32 -9.74
CA CYS C 29 1.31 -2.57 -9.27
C CYS C 29 2.26 -2.32 -10.43
N TYR C 30 2.55 -3.38 -11.20
CA TYR C 30 3.46 -3.27 -12.33
C TYR C 30 2.94 -2.29 -13.38
N THR C 31 1.64 -2.38 -13.72
CA THR C 31 1.16 -1.59 -14.83
C THR C 31 0.68 -0.18 -14.44
N THR C 32 0.30 0.05 -13.17
CA THR C 32 -0.21 1.37 -12.73
C THR C 32 0.64 2.08 -11.68
N ASN C 33 1.62 1.42 -11.06
CA ASN C 33 2.41 1.97 -9.95
C ASN C 33 1.56 2.25 -8.71
N ALA C 34 0.43 1.57 -8.59
CA ALA C 34 -0.46 1.75 -7.46
C ALA C 34 -0.90 0.38 -6.97
N PHE C 35 -1.11 0.28 -5.68
CA PHE C 35 -1.57 -0.96 -5.05
C PHE C 35 -3.09 -0.93 -4.93
N PRO C 36 -3.79 -1.99 -5.37
CA PRO C 36 -5.26 -2.00 -5.25
C PRO C 36 -5.75 -1.74 -3.84
N LYS C 37 -6.68 -0.80 -3.72
CA LYS C 37 -7.16 -0.40 -2.40
C LYS C 37 -8.03 -1.47 -1.76
N GLU C 38 -8.84 -2.17 -2.56
CA GLU C 38 -9.76 -3.16 -2.04
C GLU C 38 -9.66 -4.43 -2.88
N TYR C 39 -9.75 -5.58 -2.20
CA TYR C 39 -9.75 -6.85 -2.90
C TYR C 39 -11.05 -7.03 -3.70
N ILE C 40 -10.90 -7.40 -4.96
CA ILE C 40 -12.01 -7.78 -5.82
C ILE C 40 -11.66 -9.10 -6.49
N PRO C 41 -12.54 -10.09 -6.45
CA PRO C 41 -12.25 -11.36 -7.14
C PRO C 41 -12.11 -11.12 -8.64
N THR C 42 -11.07 -11.72 -9.21
CA THR C 42 -10.82 -11.58 -10.63
C THR C 42 -11.66 -12.59 -11.41
N VAL C 43 -12.15 -12.17 -12.57
CA VAL C 43 -12.73 -13.10 -13.53
C VAL C 43 -11.69 -13.27 -14.64
N PHE C 44 -11.53 -12.25 -15.48
CA PHE C 44 -10.30 -12.08 -16.24
C PHE C 44 -10.09 -10.59 -16.51
N ASP C 45 -8.85 -10.23 -16.81
CA ASP C 45 -8.49 -8.86 -17.13
C ASP C 45 -7.28 -8.87 -18.05
N ASN C 46 -7.30 -8.02 -19.06
CA ASN C 46 -6.20 -7.91 -20.01
C ASN C 46 -5.59 -6.53 -19.82
N TYR C 47 -4.31 -6.49 -19.46
CA TYR C 47 -3.61 -5.23 -19.25
C TYR C 47 -2.47 -5.13 -20.26
N SER C 48 -2.07 -3.90 -20.58
CA SER C 48 -0.97 -3.67 -21.50
C SER C 48 0.11 -2.83 -20.84
N ALA C 49 1.36 -3.11 -21.21
CA ALA C 49 2.48 -2.27 -20.78
C ALA C 49 3.57 -2.35 -21.85
N GLN C 50 4.38 -1.30 -21.92
CA GLN C 50 5.52 -1.25 -22.82
C GLN C 50 6.78 -1.02 -21.98
N SER C 51 7.67 -2.00 -21.98
CA SER C 51 8.89 -1.92 -21.19
C SER C 51 10.09 -2.21 -22.07
N ALA C 52 11.20 -1.56 -21.76
CA ALA C 52 12.46 -1.72 -22.48
C ALA C 52 13.38 -2.59 -21.63
N VAL C 53 13.59 -3.83 -22.07
CA VAL C 53 14.46 -4.78 -21.37
C VAL C 53 15.63 -5.12 -22.29
N ASP C 54 16.85 -4.81 -21.83
CA ASP C 54 18.09 -5.25 -22.48
C ASP C 54 18.19 -4.74 -23.93
N GLY C 55 17.83 -3.47 -24.13
CA GLY C 55 18.00 -2.84 -25.43
C GLY C 55 16.88 -3.05 -26.42
N ARG C 56 15.94 -3.95 -26.15
CA ARG C 56 14.80 -4.21 -27.00
C ARG C 56 13.54 -3.58 -26.41
N THR C 57 12.66 -3.12 -27.29
CA THR C 57 11.38 -2.54 -26.89
C THR C 57 10.26 -3.51 -27.24
N VAL C 58 9.34 -3.73 -26.30
CA VAL C 58 8.35 -4.78 -26.45
C VAL C 58 7.02 -4.35 -25.85
N ASN C 59 5.92 -4.89 -26.40
CA ASN C 59 4.58 -4.71 -25.86
C ASN C 59 4.23 -5.94 -25.04
N LEU C 60 3.90 -5.74 -23.77
CA LEU C 60 3.53 -6.82 -22.86
C LEU C 60 2.01 -6.89 -22.80
N ASN C 61 1.46 -8.00 -23.27
CA ASN C 61 0.02 -8.26 -23.26
C ASN C 61 -0.26 -9.19 -22.09
N LEU C 62 -0.78 -8.63 -20.98
CA LEU C 62 -0.83 -9.31 -19.69
C LEU C 62 -2.26 -9.71 -19.35
N TRP C 63 -2.42 -10.93 -18.83
CA TRP C 63 -3.73 -11.47 -18.50
C TRP C 63 -3.77 -11.90 -17.05
N ASP C 64 -4.74 -11.36 -16.32
CA ASP C 64 -5.07 -11.76 -14.97
C ASP C 64 -6.11 -12.89 -15.03
N THR C 65 -6.05 -13.80 -14.07
CA THR C 65 -6.91 -14.97 -14.05
C THR C 65 -7.54 -15.16 -12.67
N ALA C 66 -8.58 -15.99 -12.65
CA ALA C 66 -9.22 -16.43 -11.42
C ALA C 66 -8.60 -17.75 -10.98
N GLY C 67 -8.20 -17.83 -9.72
CA GLY C 67 -7.58 -19.03 -9.20
C GLY C 67 -8.56 -20.04 -8.66
N GLN C 68 -9.81 -19.64 -8.52
CA GLN C 68 -10.82 -20.52 -7.94
C GLN C 68 -11.19 -21.65 -8.89
N GLU C 69 -11.46 -22.81 -8.30
CA GLU C 69 -11.90 -23.96 -9.09
C GLU C 69 -13.13 -23.63 -9.92
N GLU C 70 -13.99 -22.73 -9.43
CA GLU C 70 -15.19 -22.32 -10.15
C GLU C 70 -14.90 -21.89 -11.57
N TYR C 71 -13.77 -21.23 -11.80
CA TYR C 71 -13.46 -20.71 -13.14
C TYR C 71 -12.34 -21.50 -13.81
N ASP C 72 -12.17 -22.77 -13.45
CA ASP C 72 -11.18 -23.64 -14.07
C ASP C 72 -11.28 -23.60 -15.60
N ARG C 73 -12.47 -23.87 -16.14
CA ARG C 73 -12.59 -23.93 -17.60
C ARG C 73 -12.34 -22.56 -18.24
N LEU C 74 -12.92 -21.51 -17.67
CA LEU C 74 -12.68 -20.14 -18.13
C LEU C 74 -11.19 -19.81 -18.16
N ARG C 75 -10.47 -20.18 -17.10
CA ARG C 75 -9.05 -19.86 -17.02
C ARG C 75 -8.28 -20.50 -18.17
N THR C 76 -8.54 -21.76 -18.46
CA THR C 76 -7.71 -22.39 -19.49
C THR C 76 -8.03 -21.87 -20.88
N LEU C 77 -9.18 -21.20 -21.08
CA LEU C 77 -9.46 -20.61 -22.37
C LEU C 77 -8.59 -19.37 -22.65
N SER C 78 -7.93 -18.84 -21.62
CA SER C 78 -6.99 -17.74 -21.79
C SER C 78 -5.60 -18.23 -22.21
N TYR C 79 -5.31 -19.52 -22.11
CA TYR C 79 -3.98 -20.06 -22.30
C TYR C 79 -3.50 -20.11 -23.76
N PRO C 80 -4.35 -20.41 -24.76
CA PRO C 80 -3.83 -20.51 -26.13
C PRO C 80 -3.10 -19.25 -26.55
N GLN C 81 -1.94 -19.46 -27.18
CA GLN C 81 -1.06 -18.44 -27.76
C GLN C 81 -0.25 -17.71 -26.70
N THR C 82 -0.24 -18.16 -25.45
CA THR C 82 0.62 -17.52 -24.47
C THR C 82 2.10 -17.72 -24.82
N ASN C 83 2.89 -16.69 -24.58
CA ASN C 83 4.33 -16.74 -24.77
C ASN C 83 5.11 -17.05 -23.49
N VAL C 84 4.56 -16.73 -22.32
CA VAL C 84 5.25 -16.97 -21.05
C VAL C 84 4.21 -16.97 -19.94
N PHE C 85 4.36 -17.91 -19.01
CA PHE C 85 3.47 -18.00 -17.85
C PHE C 85 4.23 -17.57 -16.60
N VAL C 86 3.51 -16.90 -15.71
CA VAL C 86 3.97 -16.58 -14.37
C VAL C 86 3.08 -17.35 -13.41
N ILE C 87 3.64 -18.34 -12.71
CA ILE C 87 2.94 -19.07 -11.66
C ILE C 87 3.31 -18.47 -10.31
N CYS C 88 2.32 -18.00 -9.56
CA CYS C 88 2.54 -17.38 -8.26
C CYS C 88 2.14 -18.31 -7.12
N PHE C 89 2.92 -18.28 -6.05
CA PHE C 89 2.50 -18.77 -4.74
C PHE C 89 2.84 -17.68 -3.73
N SER C 90 2.07 -17.63 -2.63
CA SER C 90 2.39 -16.64 -1.59
C SER C 90 3.42 -17.21 -0.64
N ILE C 91 4.40 -16.36 -0.27
CA ILE C 91 5.42 -16.81 0.67
C ILE C 91 4.79 -17.10 2.02
N ALA C 92 3.71 -16.41 2.37
CA ALA C 92 3.00 -16.64 3.61
C ALA C 92 2.06 -17.84 3.57
N SER C 93 1.93 -18.53 2.43
CA SER C 93 0.96 -19.63 2.30
C SER C 93 1.61 -20.89 1.77
N PRO C 94 2.07 -21.78 2.65
CA PRO C 94 2.59 -23.08 2.20
C PRO C 94 1.59 -23.84 1.35
N PRO C 95 0.29 -23.80 1.64
CA PRO C 95 -0.64 -24.53 0.75
C PRO C 95 -0.61 -24.03 -0.68
N SER C 96 -0.39 -22.73 -0.90
CA SER C 96 -0.33 -22.23 -2.27
C SER C 96 0.93 -22.68 -2.97
N TYR C 97 2.01 -22.91 -2.22
CA TYR C 97 3.24 -23.49 -2.75
C TYR C 97 3.03 -24.94 -3.17
N GLU C 98 2.45 -25.76 -2.30
CA GLU C 98 2.11 -27.13 -2.66
C GLU C 98 1.24 -27.19 -3.92
N ASN C 99 0.30 -26.26 -4.08
CA ASN C 99 -0.59 -26.31 -5.22
C ASN C 99 0.13 -25.98 -6.53
N VAL C 100 1.31 -25.37 -6.46
CA VAL C 100 2.11 -25.19 -7.68
C VAL C 100 2.46 -26.56 -8.27
N ARG C 101 2.89 -27.48 -7.40
CA ARG C 101 3.25 -28.82 -7.86
C ARG C 101 2.03 -29.62 -8.25
N HIS C 102 0.94 -29.50 -7.48
CA HIS C 102 -0.22 -30.38 -7.63
C HIS C 102 -1.17 -29.92 -8.71
N LYS C 103 -1.34 -28.61 -8.87
CA LYS C 103 -2.32 -28.08 -9.81
C LYS C 103 -1.69 -27.23 -10.91
N TRP C 104 -0.94 -26.18 -10.55
CA TRP C 104 -0.66 -25.13 -11.52
C TRP C 104 0.33 -25.60 -12.59
N HIS C 105 1.44 -26.20 -12.17
CA HIS C 105 2.40 -26.66 -13.17
C HIS C 105 1.82 -27.75 -14.06
N PRO C 106 1.12 -28.77 -13.54
CA PRO C 106 0.45 -29.70 -14.46
C PRO C 106 -0.51 -29.03 -15.41
N GLU C 107 -1.29 -28.04 -14.94
CA GLU C 107 -2.29 -27.44 -15.80
C GLU C 107 -1.64 -26.65 -16.93
N VAL C 108 -0.64 -25.83 -16.60
CA VAL C 108 0.04 -25.04 -17.62
C VAL C 108 0.76 -25.95 -18.62
N CYS C 109 1.40 -27.02 -18.14
CA CYS C 109 2.10 -27.95 -19.04
C CYS C 109 1.13 -28.66 -19.98
N HIS C 110 -0.03 -29.05 -19.46
CA HIS C 110 -0.98 -29.83 -20.26
C HIS C 110 -1.44 -29.04 -21.47
N HIS C 111 -1.63 -27.73 -21.30
CA HIS C 111 -2.11 -26.88 -22.37
C HIS C 111 -0.98 -26.28 -23.21
N CYS C 112 0.15 -25.94 -22.59
CA CYS C 112 1.24 -25.22 -23.26
C CYS C 112 2.60 -25.84 -22.91
N PRO C 113 2.88 -27.04 -23.42
CA PRO C 113 4.08 -27.77 -22.94
C PRO C 113 5.41 -27.07 -23.18
N ASP C 114 5.53 -26.28 -24.24
CA ASP C 114 6.81 -25.66 -24.60
C ASP C 114 6.95 -24.23 -24.10
N VAL C 115 5.95 -23.70 -23.42
CA VAL C 115 5.97 -22.29 -23.05
C VAL C 115 6.77 -22.13 -21.76
N PRO C 116 7.73 -21.20 -21.69
CA PRO C 116 8.48 -21.00 -20.45
C PRO C 116 7.60 -20.54 -19.30
N ILE C 117 7.98 -20.98 -18.09
CA ILE C 117 7.31 -20.67 -16.85
C ILE C 117 8.26 -19.91 -15.93
N LEU C 118 7.78 -18.81 -15.34
CA LEU C 118 8.49 -18.14 -14.25
C LEU C 118 7.75 -18.43 -12.96
N LEU C 119 8.47 -18.87 -11.93
CA LEU C 119 7.89 -19.08 -10.62
C LEU C 119 8.15 -17.82 -9.80
N VAL C 120 7.11 -17.31 -9.16
CA VAL C 120 7.20 -16.09 -8.37
C VAL C 120 6.62 -16.35 -6.99
N GLY C 121 7.41 -16.04 -5.94
CA GLY C 121 6.89 -16.00 -4.60
C GLY C 121 6.48 -14.58 -4.24
N THR C 122 5.21 -14.40 -3.90
CA THR C 122 4.60 -13.11 -3.61
C THR C 122 4.55 -12.85 -2.10
N LYS C 123 4.28 -11.59 -1.74
CA LYS C 123 4.10 -11.16 -0.34
C LYS C 123 5.38 -11.38 0.48
N LYS C 124 6.53 -11.08 -0.13
CA LYS C 124 7.83 -11.20 0.53
C LYS C 124 7.87 -10.40 1.84
N ASP C 125 7.07 -9.34 1.91
CA ASP C 125 7.01 -8.51 3.11
C ASP C 125 6.44 -9.25 4.31
N LEU C 126 5.75 -10.37 4.10
CA LEU C 126 5.13 -11.10 5.20
C LEU C 126 6.06 -12.13 5.83
N ARG C 127 7.19 -12.43 5.18
CA ARG C 127 8.08 -13.48 5.64
C ARG C 127 8.54 -13.28 7.08
N ALA C 128 8.77 -12.02 7.48
CA ALA C 128 9.26 -11.74 8.82
C ALA C 128 8.25 -10.99 9.67
N GLN C 129 7.01 -10.91 9.23
CA GLN C 129 6.00 -10.19 10.02
C GLN C 129 5.56 -11.04 11.20
N PRO C 130 5.58 -10.50 12.43
CA PRO C 130 5.31 -11.36 13.60
C PRO C 130 3.95 -12.04 13.57
N ASP C 131 2.91 -11.37 13.06
CA ASP C 131 1.58 -11.97 13.05
C ASP C 131 1.52 -13.15 12.08
N THR C 132 2.08 -12.97 10.88
CA THR C 132 2.17 -14.08 9.95
C THR C 132 2.94 -15.26 10.54
N LEU C 133 4.06 -14.97 11.21
CA LEU C 133 4.87 -16.03 11.80
C LEU C 133 4.11 -16.76 12.89
N ARG C 134 3.42 -16.01 13.76
CA ARG C 134 2.63 -16.64 14.81
C ARG C 134 1.54 -17.53 14.22
N ARG C 135 0.82 -17.02 13.21
CA ARG C 135 -0.27 -17.79 12.61
C ARG C 135 0.23 -19.10 12.02
N LEU C 136 1.39 -19.06 11.35
CA LEU C 136 1.91 -20.26 10.70
C LEU C 136 2.55 -21.23 11.68
N LYS C 137 3.17 -20.71 12.75
CA LYS C 137 3.74 -21.59 13.76
C LYS C 137 2.66 -22.34 14.51
N GLU C 138 1.45 -21.77 14.59
CA GLU C 138 0.35 -22.46 15.24
C GLU C 138 -0.11 -23.67 14.44
N GLN C 139 0.12 -23.65 13.13
CA GLN C 139 -0.13 -24.80 12.27
C GLN C 139 1.12 -25.63 12.04
N GLY C 140 2.19 -25.40 12.80
CA GLY C 140 3.41 -26.15 12.62
C GLY C 140 4.16 -25.85 11.34
N GLN C 141 4.03 -24.63 10.81
CA GLN C 141 4.67 -24.25 9.56
C GLN C 141 5.38 -22.91 9.73
N ALA C 142 5.99 -22.46 8.65
CA ALA C 142 6.73 -21.20 8.60
C ALA C 142 6.65 -20.70 7.17
N PRO C 143 6.97 -19.42 6.93
CA PRO C 143 6.98 -18.93 5.55
C PRO C 143 7.93 -19.75 4.66
N ILE C 144 7.59 -19.81 3.37
CA ILE C 144 8.48 -20.40 2.38
C ILE C 144 9.81 -19.66 2.39
N THR C 145 10.93 -20.42 2.38
CA THR C 145 12.26 -19.80 2.32
C THR C 145 12.68 -19.57 0.87
N PRO C 146 13.63 -18.68 0.63
CA PRO C 146 14.13 -18.53 -0.76
C PRO C 146 14.68 -19.83 -1.33
N GLN C 147 15.37 -20.65 -0.53
CA GLN C 147 15.88 -21.88 -1.10
C GLN C 147 14.77 -22.87 -1.42
N GLN C 148 13.68 -22.86 -0.66
CA GLN C 148 12.56 -23.73 -0.98
C GLN C 148 11.87 -23.30 -2.26
N GLY C 149 11.75 -21.99 -2.48
CA GLY C 149 11.24 -21.49 -3.75
C GLY C 149 12.13 -21.87 -4.91
N GLN C 150 13.45 -21.75 -4.73
CA GLN C 150 14.38 -22.09 -5.82
C GLN C 150 14.28 -23.56 -6.16
N ALA C 151 14.18 -24.41 -5.14
CA ALA C 151 14.07 -25.85 -5.38
C ALA C 151 12.80 -26.16 -6.15
N LEU C 152 11.68 -25.52 -5.78
CA LEU C 152 10.43 -25.76 -6.49
C LEU C 152 10.51 -25.32 -7.94
N ALA C 153 11.19 -24.20 -8.21
CA ALA C 153 11.35 -23.76 -9.58
C ALA C 153 12.13 -24.77 -10.42
N LYS C 154 13.13 -25.43 -9.83
CA LYS C 154 13.86 -26.47 -10.58
C LYS C 154 13.00 -27.70 -10.78
N GLN C 155 12.20 -28.06 -9.77
CA GLN C 155 11.33 -29.24 -9.94
C GLN C 155 10.29 -29.06 -11.02
N ILE C 156 9.82 -27.83 -11.25
CA ILE C 156 8.86 -27.59 -12.34
C ILE C 156 9.52 -27.02 -13.59
N HIS C 157 10.86 -26.97 -13.63
CA HIS C 157 11.61 -26.55 -14.82
C HIS C 157 11.27 -25.13 -15.25
N ALA C 158 10.98 -24.30 -14.26
CA ALA C 158 10.78 -22.88 -14.50
C ALA C 158 12.11 -22.23 -14.84
N VAL C 159 12.06 -21.19 -15.67
CA VAL C 159 13.29 -20.54 -16.14
C VAL C 159 14.00 -19.85 -14.97
N ARG C 160 13.26 -19.36 -13.99
CA ARG C 160 13.85 -18.75 -12.81
C ARG C 160 12.83 -18.71 -11.68
N TYR C 161 13.32 -18.51 -10.47
CA TYR C 161 12.54 -18.16 -9.29
C TYR C 161 12.81 -16.71 -8.90
N LEU C 162 11.74 -15.96 -8.66
CA LEU C 162 11.89 -14.59 -8.19
C LEU C 162 10.88 -14.34 -7.08
N GLU C 163 11.22 -13.41 -6.20
CA GLU C 163 10.35 -13.05 -5.08
C GLU C 163 10.02 -11.58 -5.21
N CYS C 164 8.81 -11.22 -4.78
CA CYS C 164 8.45 -9.81 -4.79
C CYS C 164 7.49 -9.52 -3.64
N SER C 165 7.41 -8.24 -3.28
CA SER C 165 6.30 -7.70 -2.51
C SER C 165 5.64 -6.63 -3.36
N ALA C 166 4.46 -6.93 -3.92
CA ALA C 166 3.70 -5.88 -4.61
C ALA C 166 3.37 -4.73 -3.66
N LEU C 167 3.08 -5.05 -2.40
CA LEU C 167 2.73 -4.02 -1.43
C LEU C 167 3.87 -3.03 -1.21
N GLN C 168 5.11 -3.51 -1.13
CA GLN C 168 6.27 -2.64 -0.99
C GLN C 168 6.83 -2.15 -2.31
N GLN C 169 6.31 -2.61 -3.44
CA GLN C 169 6.89 -2.34 -4.75
C GLN C 169 8.35 -2.78 -4.77
N ASP C 170 8.58 -4.01 -4.30
CA ASP C 170 9.90 -4.60 -4.18
C ASP C 170 9.97 -5.79 -5.14
N GLY C 171 10.79 -5.68 -6.19
CA GLY C 171 10.99 -6.80 -7.10
C GLY C 171 9.91 -7.04 -8.13
N VAL C 172 8.94 -6.13 -8.26
CA VAL C 172 7.85 -6.30 -9.20
C VAL C 172 8.34 -6.09 -10.63
N LYS C 173 9.11 -5.04 -10.84
CA LYS C 173 9.65 -4.76 -12.17
C LYS C 173 10.50 -5.93 -12.66
N GLU C 174 11.27 -6.55 -11.75
CA GLU C 174 12.19 -7.61 -12.15
C GLU C 174 11.43 -8.87 -12.58
N VAL C 175 10.23 -9.07 -12.04
CA VAL C 175 9.42 -10.23 -12.43
C VAL C 175 9.11 -10.19 -13.91
N PHE C 176 8.62 -9.06 -14.41
CA PHE C 176 8.15 -9.00 -15.78
C PHE C 176 9.25 -8.73 -16.78
N ALA C 177 10.36 -8.12 -16.34
CA ALA C 177 11.55 -8.09 -17.20
C ALA C 177 12.08 -9.49 -17.43
N GLU C 178 12.02 -10.34 -16.41
CA GLU C 178 12.47 -11.73 -16.57
C GLU C 178 11.49 -12.54 -17.42
N ALA C 179 10.19 -12.23 -17.33
CA ALA C 179 9.23 -12.91 -18.20
C ALA C 179 9.48 -12.57 -19.66
N VAL C 180 9.75 -11.30 -19.96
CA VAL C 180 10.04 -10.90 -21.33
C VAL C 180 11.35 -11.54 -21.80
N ARG C 181 12.36 -11.58 -20.91
CA ARG C 181 13.62 -12.23 -21.24
C ARG C 181 13.45 -13.70 -21.58
N ALA C 182 12.49 -14.38 -20.92
CA ALA C 182 12.25 -15.79 -21.21
C ALA C 182 11.84 -15.99 -22.66
N VAL C 183 11.10 -15.04 -23.21
CA VAL C 183 10.61 -15.14 -24.57
C VAL C 183 11.64 -14.62 -25.57
N LEU C 184 12.32 -13.53 -25.25
CA LEU C 184 13.22 -12.91 -26.21
C LEU C 184 14.55 -13.64 -26.36
N ASN C 185 15.06 -14.21 -25.28
CA ASN C 185 16.31 -14.98 -25.31
C ASN C 185 16.11 -16.24 -24.48
N PRO C 186 15.45 -17.24 -25.05
CA PRO C 186 15.17 -18.47 -24.30
C PRO C 186 16.37 -19.40 -24.21
N THR C 187 16.52 -20.02 -23.04
CA THR C 187 17.51 -21.05 -22.73
C THR C 187 16.82 -22.39 -22.52
N PRO C 188 17.49 -23.51 -22.82
CA PRO C 188 16.88 -24.83 -22.61
C PRO C 188 16.90 -25.27 -21.14
N MET D 2 -34.89 -3.65 -7.65
CA MET D 2 -34.53 -2.33 -8.19
C MET D 2 -33.08 -2.21 -8.70
N PRO D 3 -32.09 -2.74 -8.00
CA PRO D 3 -30.68 -2.61 -8.46
C PRO D 3 -30.54 -2.98 -9.92
N PRO D 4 -30.05 -2.06 -10.76
CA PRO D 4 -29.96 -2.35 -12.18
C PRO D 4 -28.86 -3.34 -12.45
N PRO D 5 -29.02 -4.21 -13.46
CA PRO D 5 -27.93 -5.13 -13.83
C PRO D 5 -26.71 -4.36 -14.31
N ALA D 6 -25.60 -5.08 -14.43
CA ALA D 6 -24.36 -4.47 -14.85
C ALA D 6 -24.39 -4.12 -16.34
N ASP D 7 -23.66 -3.06 -16.69
CA ASP D 7 -23.58 -2.60 -18.07
C ASP D 7 -22.55 -3.35 -18.89
N ILE D 8 -21.67 -4.11 -18.25
CA ILE D 8 -20.64 -4.89 -18.90
C ILE D 8 -20.69 -6.31 -18.32
N VAL D 9 -20.51 -7.31 -19.17
CA VAL D 9 -20.42 -8.70 -18.73
C VAL D 9 -19.25 -9.37 -19.44
N LYS D 10 -18.41 -10.04 -18.67
CA LYS D 10 -17.24 -10.73 -19.21
C LYS D 10 -17.62 -12.16 -19.56
N VAL D 11 -17.26 -12.58 -20.78
CA VAL D 11 -17.56 -13.92 -21.28
C VAL D 11 -16.36 -14.43 -22.06
N ALA D 12 -16.30 -15.75 -22.22
CA ALA D 12 -15.39 -16.40 -23.15
C ALA D 12 -16.23 -17.05 -24.24
N ILE D 13 -15.81 -16.91 -25.49
CA ILE D 13 -16.56 -17.44 -26.63
C ILE D 13 -15.66 -18.40 -27.41
N GLU D 14 -16.19 -19.58 -27.71
CA GLU D 14 -15.47 -20.59 -28.47
C GLU D 14 -16.07 -20.75 -29.85
N TRP D 15 -15.23 -21.18 -30.79
CA TRP D 15 -15.62 -21.42 -32.16
C TRP D 15 -14.66 -22.47 -32.70
N PRO D 16 -15.17 -23.55 -33.30
CA PRO D 16 -14.29 -24.66 -33.70
C PRO D 16 -13.21 -24.22 -34.68
N GLY D 17 -11.98 -24.63 -34.38
CA GLY D 17 -10.84 -24.32 -35.22
C GLY D 17 -10.22 -22.97 -34.95
N ALA D 18 -10.82 -22.17 -34.09
CA ALA D 18 -10.34 -20.81 -33.80
C ALA D 18 -9.92 -20.70 -32.35
N TYR D 19 -9.08 -19.71 -32.07
CA TYR D 19 -8.69 -19.45 -30.70
C TYR D 19 -9.85 -18.80 -29.94
N PRO D 20 -10.07 -19.16 -28.67
CA PRO D 20 -11.19 -18.60 -27.92
C PRO D 20 -11.04 -17.09 -27.75
N LYS D 21 -12.17 -16.41 -27.60
CA LYS D 21 -12.20 -14.96 -27.46
C LYS D 21 -12.73 -14.62 -26.07
N LEU D 22 -11.94 -13.89 -25.29
CA LEU D 22 -12.34 -13.44 -23.96
C LEU D 22 -12.66 -11.96 -24.08
N MET D 23 -13.92 -11.60 -23.89
CA MET D 23 -14.29 -10.22 -24.19
C MET D 23 -15.27 -9.69 -23.16
N GLU D 24 -15.40 -8.37 -23.16
CA GLU D 24 -16.36 -7.66 -22.33
C GLU D 24 -17.53 -7.24 -23.23
N ILE D 25 -18.68 -7.86 -23.02
CA ILE D 25 -19.87 -7.52 -23.79
C ILE D 25 -20.46 -6.24 -23.22
N ASP D 26 -20.66 -5.25 -24.08
CA ASP D 26 -21.39 -4.03 -23.71
C ASP D 26 -22.89 -4.34 -23.78
N GLN D 27 -23.54 -4.35 -22.62
CA GLN D 27 -24.97 -4.68 -22.57
C GLN D 27 -25.82 -3.57 -23.15
N LYS D 28 -25.29 -2.35 -23.28
CA LYS D 28 -26.00 -1.31 -23.98
C LYS D 28 -26.00 -1.51 -25.50
N LYS D 29 -25.15 -2.41 -26.01
CA LYS D 29 -25.06 -2.64 -27.45
C LYS D 29 -25.90 -3.84 -27.86
N PRO D 30 -26.66 -3.69 -28.94
CA PRO D 30 -27.50 -4.80 -29.42
C PRO D 30 -26.71 -6.09 -29.65
N LEU D 31 -27.38 -7.21 -29.43
CA LEU D 31 -26.75 -8.52 -29.53
C LEU D 31 -26.21 -8.78 -30.94
N SER D 32 -26.96 -8.37 -31.97
CA SER D 32 -26.48 -8.54 -33.34
C SER D 32 -25.19 -7.78 -33.58
N ALA D 33 -25.00 -6.65 -32.89
CA ALA D 33 -23.75 -5.92 -33.02
C ALA D 33 -22.61 -6.65 -32.32
N ILE D 34 -22.87 -7.18 -31.12
CA ILE D 34 -21.86 -8.00 -30.44
C ILE D 34 -21.44 -9.16 -31.34
N ILE D 35 -22.40 -9.78 -32.01
CA ILE D 35 -22.14 -11.01 -32.74
C ILE D 35 -21.35 -10.73 -34.01
N LYS D 36 -21.54 -9.57 -34.63
CA LYS D 36 -20.71 -9.25 -35.78
C LYS D 36 -19.27 -9.01 -35.38
N GLU D 37 -19.04 -8.26 -34.30
CA GLU D 37 -17.69 -8.06 -33.80
C GLU D 37 -16.97 -9.38 -33.62
N VAL D 38 -17.62 -10.33 -32.94
CA VAL D 38 -17.03 -11.65 -32.70
C VAL D 38 -16.78 -12.37 -34.02
N CYS D 39 -17.79 -12.37 -34.90
CA CYS D 39 -17.63 -12.97 -36.23
C CYS D 39 -16.49 -12.33 -37.00
N ASP D 40 -16.40 -10.99 -36.97
CA ASP D 40 -15.32 -10.32 -37.71
C ASP D 40 -13.96 -10.73 -37.18
N GLY D 41 -13.80 -10.79 -35.85
CA GLY D 41 -12.53 -11.16 -35.28
C GLY D 41 -12.05 -12.52 -35.74
N TRP D 42 -12.98 -13.42 -36.06
CA TRP D 42 -12.67 -14.73 -36.62
C TRP D 42 -12.83 -14.78 -38.13
N SER D 43 -13.14 -13.65 -38.75
CA SER D 43 -13.23 -13.52 -40.21
C SER D 43 -14.38 -14.34 -40.79
N LEU D 44 -15.54 -14.26 -40.14
CA LEU D 44 -16.78 -14.83 -40.63
C LEU D 44 -17.72 -13.71 -41.04
N ALA D 45 -18.11 -13.69 -42.33
CA ALA D 45 -19.08 -12.72 -42.79
C ALA D 45 -20.51 -13.21 -42.53
N ASN D 46 -21.48 -12.32 -42.74
CA ASN D 46 -22.90 -12.61 -42.51
C ASN D 46 -23.12 -13.09 -41.07
N HIS D 47 -22.93 -12.16 -40.14
CA HIS D 47 -23.15 -12.51 -38.74
C HIS D 47 -24.57 -12.96 -38.49
N GLU D 48 -25.51 -12.65 -39.40
CA GLU D 48 -26.93 -12.98 -39.31
C GLU D 48 -27.19 -14.47 -39.13
N TYR D 49 -26.24 -15.34 -39.51
CA TYR D 49 -26.44 -16.78 -39.45
C TYR D 49 -25.78 -17.43 -38.25
N PHE D 50 -25.39 -16.62 -37.26
CA PHE D 50 -24.79 -17.12 -36.04
C PHE D 50 -25.56 -16.58 -34.85
N ALA D 51 -25.55 -17.36 -33.76
CA ALA D 51 -26.04 -16.92 -32.47
C ALA D 51 -25.00 -17.26 -31.42
N LEU D 52 -25.21 -16.74 -30.21
CA LEU D 52 -24.42 -17.14 -29.07
C LEU D 52 -25.25 -18.11 -28.23
N GLN D 53 -24.58 -19.12 -27.68
CA GLN D 53 -25.23 -20.20 -26.96
C GLN D 53 -24.45 -20.51 -25.69
N HIS D 54 -25.16 -20.68 -24.59
CA HIS D 54 -24.55 -21.19 -23.36
C HIS D 54 -23.84 -22.50 -23.64
N ALA D 55 -22.56 -22.58 -23.24
CA ALA D 55 -21.83 -23.84 -23.34
C ALA D 55 -21.93 -24.66 -22.06
N ASP D 56 -22.82 -24.28 -21.14
CA ASP D 56 -23.04 -25.03 -19.91
C ASP D 56 -24.19 -26.03 -20.11
N SER D 57 -24.69 -26.54 -18.98
CA SER D 57 -25.74 -27.56 -19.01
C SER D 57 -27.00 -27.05 -19.68
N SER D 58 -27.32 -25.76 -19.54
CA SER D 58 -28.55 -25.24 -20.10
C SER D 58 -28.56 -25.39 -21.62
N ASN D 59 -27.44 -25.05 -22.27
CA ASN D 59 -27.33 -24.97 -23.72
C ASN D 59 -28.36 -24.03 -24.34
N PHE D 60 -28.93 -23.14 -23.53
CA PHE D 60 -29.89 -22.18 -24.03
C PHE D 60 -29.21 -21.18 -24.96
N TYR D 61 -29.97 -20.70 -25.93
CA TYR D 61 -29.48 -19.61 -26.76
C TYR D 61 -29.55 -18.30 -26.01
N ILE D 62 -28.60 -17.42 -26.31
CA ILE D 62 -28.61 -16.06 -25.78
C ILE D 62 -29.56 -15.22 -26.62
N THR D 63 -30.43 -14.47 -25.94
CA THR D 63 -31.38 -13.57 -26.59
C THR D 63 -31.26 -12.20 -25.94
N GLU D 64 -32.00 -11.22 -26.47
CA GLU D 64 -32.09 -9.93 -25.79
C GLU D 64 -32.86 -10.03 -24.48
N LYS D 65 -33.78 -10.99 -24.38
CA LYS D 65 -34.55 -11.12 -23.14
C LYS D 65 -33.73 -11.76 -22.03
N ASN D 66 -32.85 -12.70 -22.36
CA ASN D 66 -32.12 -13.44 -21.34
C ASN D 66 -30.69 -12.94 -21.12
N ARG D 67 -30.20 -12.00 -21.93
CA ARG D 67 -28.79 -11.64 -21.87
C ARG D 67 -28.41 -10.96 -20.57
N ASN D 68 -29.36 -10.43 -19.81
CA ASN D 68 -28.94 -9.74 -18.60
C ASN D 68 -28.80 -10.66 -17.41
N GLU D 69 -29.29 -11.91 -17.51
CA GLU D 69 -28.96 -12.91 -16.50
C GLU D 69 -27.56 -13.48 -16.65
N ILE D 70 -26.84 -13.14 -17.72
CA ILE D 70 -25.55 -13.78 -17.99
C ILE D 70 -24.58 -13.51 -16.84
N LYS D 71 -24.04 -14.58 -16.27
CA LYS D 71 -23.05 -14.48 -15.20
C LYS D 71 -21.72 -14.00 -15.74
N ASN D 72 -21.07 -13.07 -15.04
CA ASN D 72 -19.71 -12.70 -15.38
C ASN D 72 -18.84 -13.96 -15.41
N GLY D 73 -18.08 -14.11 -16.49
CA GLY D 73 -17.27 -15.29 -16.66
C GLY D 73 -17.93 -16.45 -17.35
N THR D 74 -19.15 -16.28 -17.85
CA THR D 74 -19.85 -17.34 -18.55
C THR D 74 -19.13 -17.72 -19.82
N ILE D 75 -19.15 -19.01 -20.14
CA ILE D 75 -18.54 -19.53 -21.36
C ILE D 75 -19.64 -19.76 -22.39
N LEU D 76 -19.47 -19.16 -23.57
CA LEU D 76 -20.44 -19.23 -24.64
C LEU D 76 -19.82 -19.90 -25.87
N ARG D 77 -20.70 -20.37 -26.74
CA ARG D 77 -20.33 -20.90 -28.04
C ARG D 77 -20.96 -20.01 -29.10
N LEU D 78 -20.19 -19.64 -30.11
CA LEU D 78 -20.76 -19.15 -31.36
C LEU D 78 -21.26 -20.33 -32.18
N THR D 79 -22.52 -20.27 -32.60
CA THR D 79 -23.17 -21.42 -33.22
C THR D 79 -24.08 -20.97 -34.36
N THR D 80 -24.53 -21.94 -35.14
CA THR D 80 -25.52 -21.66 -36.17
C THR D 80 -26.80 -21.11 -35.55
N SER D 81 -27.32 -20.04 -36.14
CA SER D 81 -28.54 -19.43 -35.64
C SER D 81 -29.70 -20.42 -35.75
N PRO D 82 -30.45 -20.65 -34.69
CA PRO D 82 -31.50 -21.67 -34.73
C PRO D 82 -32.70 -21.24 -35.55
N ALA D 83 -33.40 -22.22 -36.11
CA ALA D 83 -34.62 -21.96 -36.88
C ALA D 83 -35.69 -21.33 -36.00
N MET E 8 40.53 10.53 -19.08
CA MET E 8 39.67 11.25 -20.00
C MET E 8 39.01 12.45 -19.32
N GLN E 9 38.34 13.27 -20.12
CA GLN E 9 37.77 14.52 -19.63
C GLN E 9 36.64 14.26 -18.65
N SER E 10 36.56 15.09 -17.59
CA SER E 10 35.58 14.91 -16.53
C SER E 10 34.76 16.18 -16.31
N ILE E 11 33.45 16.00 -16.14
CA ILE E 11 32.48 17.10 -16.07
C ILE E 11 31.68 16.99 -14.78
N LYS E 12 31.56 18.09 -14.05
CA LYS E 12 30.77 18.09 -12.80
C LYS E 12 29.38 18.66 -13.04
N CYS E 13 28.35 17.88 -12.69
CA CYS E 13 26.96 18.27 -12.83
C CYS E 13 26.28 18.09 -11.49
N VAL E 14 25.53 19.12 -11.05
CA VAL E 14 24.85 19.10 -9.75
C VAL E 14 23.36 19.25 -10.01
N VAL E 15 22.55 18.39 -9.37
CA VAL E 15 21.10 18.39 -9.52
C VAL E 15 20.48 18.99 -8.28
N VAL E 16 19.63 20.01 -8.47
CA VAL E 16 18.98 20.71 -7.37
C VAL E 16 17.49 20.86 -7.64
N GLY E 17 16.77 21.22 -6.57
CA GLY E 17 15.33 21.38 -6.64
C GLY E 17 14.65 20.94 -5.35
N ASP E 18 13.33 21.18 -5.26
CA ASP E 18 12.60 20.97 -4.01
C ASP E 18 12.64 19.51 -3.58
N GLY E 19 12.34 19.30 -2.30
CA GLY E 19 12.23 17.93 -1.82
C GLY E 19 11.14 17.16 -2.54
N ALA E 20 11.46 15.90 -2.85
CA ALA E 20 10.57 14.91 -3.45
C ALA E 20 10.20 15.18 -4.91
N VAL E 21 10.94 16.04 -5.65
CA VAL E 21 10.57 16.27 -7.06
C VAL E 21 11.07 15.19 -7.98
N GLY E 22 12.01 14.35 -7.52
CA GLY E 22 12.49 13.22 -8.29
C GLY E 22 13.95 13.30 -8.68
N LYS E 23 14.74 14.12 -7.97
CA LYS E 23 16.16 14.27 -8.26
C LYS E 23 16.90 12.94 -8.10
N THR E 24 16.67 12.26 -6.97
CA THR E 24 17.41 11.03 -6.71
C THR E 24 17.01 9.92 -7.69
N CYS E 25 15.71 9.77 -7.99
CA CYS E 25 15.29 8.78 -8.98
C CYS E 25 15.84 9.10 -10.36
N LEU E 26 15.95 10.38 -10.70
CA LEU E 26 16.56 10.77 -11.97
C LEU E 26 17.98 10.19 -12.07
N LEU E 27 18.78 10.36 -11.02
CA LEU E 27 20.16 9.89 -11.07
C LEU E 27 20.24 8.37 -10.96
N ILE E 28 19.37 7.77 -10.15
CA ILE E 28 19.34 6.32 -10.03
C ILE E 28 18.91 5.70 -11.35
N CYS E 29 17.91 6.30 -12.01
CA CYS E 29 17.51 5.80 -13.33
C CYS E 29 18.66 5.87 -14.32
N TYR E 30 19.38 6.98 -14.31
CA TYR E 30 20.47 7.15 -15.26
C TYR E 30 21.57 6.11 -15.04
N THR E 31 21.82 5.71 -13.80
CA THR E 31 23.03 4.92 -13.52
C THR E 31 22.78 3.46 -13.21
N THR E 32 21.56 3.05 -12.90
CA THR E 32 21.22 1.64 -12.74
C THR E 32 19.87 1.27 -13.32
N ASN E 33 19.18 2.23 -13.95
CA ASN E 33 17.76 2.18 -14.30
C ASN E 33 16.88 1.43 -13.30
N ALA E 34 17.26 1.42 -12.02
CA ALA E 34 16.34 1.04 -10.95
C ALA E 34 15.39 2.19 -10.67
N PHE E 35 14.44 1.99 -9.76
CA PHE E 35 13.48 3.05 -9.45
C PHE E 35 12.81 2.80 -8.10
N PRO E 36 13.11 3.63 -7.09
CA PRO E 36 12.42 3.46 -5.80
C PRO E 36 11.07 4.17 -5.75
N LYS E 37 10.02 3.45 -5.32
CA LYS E 37 8.72 4.08 -5.11
C LYS E 37 8.71 4.88 -3.80
N GLU E 38 9.51 4.48 -2.82
CA GLU E 38 9.58 5.18 -1.54
C GLU E 38 10.34 6.50 -1.69
N TYR E 39 9.85 7.53 -0.99
CA TYR E 39 10.59 8.78 -0.84
C TYR E 39 11.54 8.60 0.32
N ILE E 40 12.83 8.54 -0.01
CA ILE E 40 13.94 8.47 0.95
C ILE E 40 14.78 9.74 0.82
N PRO E 41 14.78 10.63 1.82
CA PRO E 41 15.52 11.89 1.69
C PRO E 41 17.01 11.68 1.50
N THR E 42 17.62 12.68 0.90
CA THR E 42 19.00 12.66 0.49
C THR E 42 19.81 13.56 1.41
N VAL E 43 21.09 13.24 1.60
CA VAL E 43 22.05 14.13 2.24
C VAL E 43 22.88 14.75 1.12
N PHE E 44 23.82 13.97 0.59
CA PHE E 44 24.44 14.22 -0.71
C PHE E 44 24.92 12.87 -1.22
N ASP E 45 25.18 12.79 -2.53
CA ASP E 45 25.75 11.59 -3.16
C ASP E 45 26.43 11.99 -4.46
N ASN E 46 27.49 11.28 -4.78
CA ASN E 46 28.27 11.50 -5.99
C ASN E 46 28.10 10.25 -6.86
N TYR E 47 27.36 10.37 -7.96
CA TYR E 47 27.19 9.29 -8.91
C TYR E 47 28.20 9.46 -10.03
N SER E 48 28.82 8.35 -10.44
CA SER E 48 29.77 8.38 -11.53
C SER E 48 29.16 7.70 -12.75
N ALA E 49 29.37 8.31 -13.92
CA ALA E 49 28.93 7.69 -15.15
C ALA E 49 29.94 8.00 -16.24
N GLN E 50 30.11 7.06 -17.17
CA GLN E 50 30.86 7.26 -18.41
C GLN E 50 29.90 7.07 -19.56
N SER E 51 29.63 8.13 -20.31
CA SER E 51 28.65 8.06 -21.38
C SER E 51 29.25 8.57 -22.68
N ALA E 52 28.77 8.00 -23.77
CA ALA E 52 29.08 8.49 -25.11
C ALA E 52 28.07 9.57 -25.45
N VAL E 53 28.55 10.80 -25.62
CA VAL E 53 27.74 11.93 -26.04
C VAL E 53 28.32 12.43 -27.35
N ASP E 54 27.57 12.24 -28.45
CA ASP E 54 27.99 12.67 -29.78
C ASP E 54 29.35 12.09 -30.16
N GLY E 55 29.53 10.80 -29.89
CA GLY E 55 30.72 10.07 -30.27
C GLY E 55 31.93 10.30 -29.39
N ARG E 56 31.80 11.08 -28.32
CA ARG E 56 32.90 11.45 -27.44
C ARG E 56 32.61 10.89 -26.05
N THR E 57 33.61 10.22 -25.47
CA THR E 57 33.43 9.60 -24.17
C THR E 57 33.85 10.55 -23.06
N VAL E 58 32.94 10.78 -22.12
CA VAL E 58 33.12 11.78 -21.06
C VAL E 58 32.82 11.13 -19.72
N ASN E 59 33.59 11.51 -18.70
CA ASN E 59 33.34 11.08 -17.33
C ASN E 59 32.42 12.09 -16.66
N LEU E 60 31.27 11.63 -16.19
CA LEU E 60 30.32 12.49 -15.51
C LEU E 60 30.48 12.35 -14.00
N ASN E 61 30.70 13.47 -13.34
CA ASN E 61 30.67 13.56 -11.88
C ASN E 61 29.34 14.18 -11.52
N LEU E 62 28.36 13.35 -11.16
CA LEU E 62 26.98 13.76 -10.88
C LEU E 62 26.77 13.86 -9.37
N TRP E 63 26.26 15.00 -8.91
CA TRP E 63 26.03 15.21 -7.49
C TRP E 63 24.54 15.40 -7.21
N ASP E 64 24.03 14.57 -6.31
CA ASP E 64 22.69 14.68 -5.76
C ASP E 64 22.76 15.57 -4.52
N THR E 65 21.73 16.38 -4.30
CA THR E 65 21.70 17.31 -3.18
C THR E 65 20.40 17.14 -2.41
N ALA E 66 20.41 17.62 -1.17
CA ALA E 66 19.19 17.70 -0.38
C ALA E 66 18.49 19.01 -0.67
N GLY E 67 17.21 18.93 -1.00
CA GLY E 67 16.42 20.14 -1.24
C GLY E 67 15.91 20.83 0.01
N GLN E 68 16.27 20.30 1.18
CA GLN E 68 15.78 20.81 2.45
C GLN E 68 16.56 22.05 2.87
N GLU E 69 15.82 23.04 3.39
CA GLU E 69 16.42 24.25 3.93
C GLU E 69 17.44 23.94 5.03
N GLU E 70 17.20 22.87 5.80
CA GLU E 70 18.11 22.47 6.87
C GLU E 70 19.54 22.29 6.37
N TYR E 71 19.69 21.83 5.12
CA TYR E 71 20.97 21.53 4.51
C TYR E 71 21.38 22.59 3.48
N ASP E 72 20.88 23.83 3.66
CA ASP E 72 21.20 24.92 2.72
C ASP E 72 22.72 25.09 2.56
N ARG E 73 23.44 25.30 3.68
CA ARG E 73 24.88 25.53 3.57
C ARG E 73 25.59 24.32 2.96
N LEU E 74 25.25 23.12 3.43
CA LEU E 74 25.86 21.90 2.90
C LEU E 74 25.69 21.81 1.40
N ARG E 75 24.48 22.10 0.93
CA ARG E 75 24.23 22.00 -0.51
C ARG E 75 25.12 22.96 -1.29
N THR E 76 25.25 24.20 -0.80
CA THR E 76 26.05 25.17 -1.54
C THR E 76 27.53 24.84 -1.49
N LEU E 77 27.98 24.02 -0.54
CA LEU E 77 29.37 23.59 -0.53
C LEU E 77 29.65 22.55 -1.61
N SER E 78 28.61 21.93 -2.19
CA SER E 78 28.81 21.08 -3.37
C SER E 78 28.93 21.89 -4.65
N TYR E 79 28.70 23.20 -4.60
CA TYR E 79 28.60 24.01 -5.81
C TYR E 79 29.93 24.42 -6.45
N PRO E 80 30.99 24.73 -5.69
CA PRO E 80 32.25 25.14 -6.35
C PRO E 80 32.71 24.13 -7.41
N GLN E 81 33.16 24.66 -8.54
CA GLN E 81 33.72 23.90 -9.66
C GLN E 81 32.67 23.19 -10.49
N THR E 82 31.39 23.45 -10.24
CA THR E 82 30.34 22.83 -11.02
C THR E 82 30.39 23.38 -12.45
N ASN E 83 30.21 22.49 -13.42
CA ASN E 83 30.21 22.90 -14.82
C ASN E 83 28.81 23.12 -15.37
N VAL E 84 27.79 22.51 -14.77
CA VAL E 84 26.41 22.62 -15.26
C VAL E 84 25.47 22.23 -14.13
N PHE E 85 24.38 22.98 -13.99
CA PHE E 85 23.35 22.67 -13.02
C PHE E 85 22.12 22.12 -13.73
N VAL E 86 21.50 21.12 -13.12
CA VAL E 86 20.20 20.61 -13.53
C VAL E 86 19.21 21.02 -12.45
N ILE E 87 18.29 21.92 -12.77
CA ILE E 87 17.25 22.36 -11.85
C ILE E 87 15.96 21.63 -12.22
N CYS E 88 15.41 20.90 -11.24
CA CYS E 88 14.24 20.06 -11.41
C CYS E 88 13.05 20.68 -10.71
N PHE E 89 11.89 20.61 -11.34
CA PHE E 89 10.61 20.78 -10.68
C PHE E 89 9.72 19.62 -11.14
N SER E 90 8.79 19.21 -10.30
CA SER E 90 7.91 18.10 -10.68
C SER E 90 6.71 18.66 -11.42
N ILE E 91 6.40 18.05 -12.58
CA ILE E 91 5.25 18.45 -13.37
C ILE E 91 3.97 18.35 -12.55
N ALA E 92 3.97 17.55 -11.50
CA ALA E 92 2.81 17.36 -10.64
C ALA E 92 2.82 18.25 -9.40
N SER E 93 3.75 19.20 -9.29
CA SER E 93 3.85 20.06 -8.11
C SER E 93 4.09 21.51 -8.51
N PRO E 94 3.03 22.29 -8.66
CA PRO E 94 3.19 23.72 -8.96
C PRO E 94 4.05 24.42 -7.94
N PRO E 95 3.93 24.12 -6.62
CA PRO E 95 4.87 24.77 -5.68
C PRO E 95 6.34 24.55 -6.03
N SER E 96 6.71 23.37 -6.55
CA SER E 96 8.11 23.15 -6.87
C SER E 96 8.55 23.95 -8.08
N TYR E 97 7.63 24.19 -9.03
CA TYR E 97 7.89 25.11 -10.13
C TYR E 97 8.10 26.53 -9.61
N GLU E 98 7.22 27.01 -8.73
CA GLU E 98 7.41 28.34 -8.21
C GLU E 98 8.74 28.47 -7.49
N ASN E 99 9.18 27.41 -6.81
CA ASN E 99 10.42 27.49 -6.06
C ASN E 99 11.65 27.55 -6.95
N VAL E 100 11.52 27.18 -8.23
CA VAL E 100 12.60 27.41 -9.18
C VAL E 100 12.87 28.92 -9.28
N ARG E 101 11.80 29.72 -9.32
CA ARG E 101 11.98 31.16 -9.46
C ARG E 101 12.43 31.78 -8.16
N HIS E 102 11.92 31.28 -7.03
CA HIS E 102 12.12 31.93 -5.75
C HIS E 102 13.35 31.45 -4.99
N LYS E 103 13.76 30.21 -5.20
CA LYS E 103 14.93 29.66 -4.51
C LYS E 103 16.02 29.19 -5.46
N TRP E 104 15.74 28.24 -6.35
CA TRP E 104 16.81 27.45 -6.97
C TRP E 104 17.61 28.24 -7.99
N HIS E 105 16.93 28.91 -8.93
CA HIS E 105 17.64 29.72 -9.91
C HIS E 105 18.45 30.80 -9.23
N PRO E 106 17.89 31.64 -8.35
CA PRO E 106 18.74 32.61 -7.63
C PRO E 106 19.89 31.98 -6.86
N GLU E 107 19.68 30.87 -6.15
CA GLU E 107 20.76 30.29 -5.36
C GLU E 107 21.90 29.83 -6.25
N VAL E 108 21.58 29.16 -7.36
CA VAL E 108 22.62 28.67 -8.26
C VAL E 108 23.42 29.83 -8.85
N CYS E 109 22.73 30.88 -9.31
CA CYS E 109 23.42 32.01 -9.94
C CYS E 109 24.23 32.81 -8.91
N HIS E 110 23.75 32.87 -7.67
CA HIS E 110 24.50 33.60 -6.64
C HIS E 110 25.85 32.94 -6.41
N HIS E 111 25.88 31.61 -6.38
CA HIS E 111 27.10 30.87 -6.06
C HIS E 111 27.98 30.60 -7.27
N CYS E 112 27.39 30.41 -8.44
CA CYS E 112 28.11 30.00 -9.65
C CYS E 112 27.64 30.86 -10.79
N PRO E 113 27.95 32.15 -10.76
CA PRO E 113 27.47 33.04 -11.81
C PRO E 113 27.84 32.50 -13.19
N ASP E 114 26.88 32.57 -14.10
CA ASP E 114 27.00 32.23 -15.51
C ASP E 114 27.18 30.74 -15.79
N VAL E 115 27.22 29.90 -14.78
CA VAL E 115 27.27 28.46 -15.06
C VAL E 115 25.96 28.01 -15.70
N PRO E 116 26.02 27.23 -16.78
CA PRO E 116 24.79 26.85 -17.51
C PRO E 116 23.79 26.12 -16.63
N ILE E 117 22.52 26.38 -16.90
CA ILE E 117 21.40 25.76 -16.21
C ILE E 117 20.54 25.02 -17.23
N LEU E 118 20.30 23.74 -16.96
CA LEU E 118 19.29 22.96 -17.68
C LEU E 118 18.06 22.85 -16.79
N LEU E 119 16.89 23.22 -17.32
CA LEU E 119 15.66 23.13 -16.55
C LEU E 119 14.91 21.85 -16.93
N VAL E 120 14.52 21.07 -15.92
CA VAL E 120 13.96 19.74 -16.17
C VAL E 120 12.65 19.61 -15.42
N GLY E 121 11.57 19.30 -16.16
CA GLY E 121 10.33 18.89 -15.55
C GLY E 121 10.32 17.38 -15.37
N THR E 122 10.22 16.93 -14.13
CA THR E 122 10.20 15.51 -13.82
C THR E 122 8.77 15.00 -13.69
N LYS E 123 8.66 13.66 -13.61
CA LYS E 123 7.40 12.95 -13.40
C LYS E 123 6.38 13.26 -14.50
N LYS E 124 6.84 13.30 -15.76
CA LYS E 124 5.93 13.65 -16.84
C LYS E 124 4.82 12.63 -17.01
N ASP E 125 5.03 11.41 -16.52
CA ASP E 125 3.97 10.40 -16.54
C ASP E 125 2.77 10.78 -15.68
N LEU E 126 2.94 11.65 -14.69
CA LEU E 126 1.83 12.04 -13.83
C LEU E 126 0.91 13.09 -14.45
N ARG E 127 1.31 13.68 -15.59
CA ARG E 127 0.51 14.74 -16.20
C ARG E 127 -0.89 14.25 -16.52
N ALA E 128 -1.02 13.00 -16.96
CA ALA E 128 -2.29 12.44 -17.37
C ALA E 128 -2.81 11.40 -16.39
N GLN E 129 -2.36 11.42 -15.13
CA GLN E 129 -2.81 10.44 -14.15
C GLN E 129 -4.06 10.94 -13.44
N PRO E 130 -5.18 10.21 -13.46
CA PRO E 130 -6.41 10.73 -12.85
C PRO E 130 -6.27 11.12 -11.39
N ASP E 131 -5.48 10.36 -10.63
CA ASP E 131 -5.27 10.66 -9.21
C ASP E 131 -4.58 12.01 -9.02
N THR E 132 -3.53 12.26 -9.81
CA THR E 132 -2.85 13.55 -9.77
C THR E 132 -3.76 14.67 -10.22
N LEU E 133 -4.55 14.44 -11.26
CA LEU E 133 -5.44 15.48 -11.76
C LEU E 133 -6.50 15.83 -10.73
N ARG E 134 -7.11 14.81 -10.12
CA ARG E 134 -8.14 15.07 -9.12
C ARG E 134 -7.58 15.89 -7.96
N ARG E 135 -6.47 15.44 -7.38
CA ARG E 135 -5.95 16.11 -6.20
C ARG E 135 -5.53 17.54 -6.51
N LEU E 136 -4.89 17.77 -7.65
CA LEU E 136 -4.56 19.15 -8.00
C LEU E 136 -5.83 19.97 -8.23
N LYS E 137 -6.86 19.35 -8.82
CA LYS E 137 -8.14 20.05 -9.03
C LYS E 137 -8.74 20.53 -7.73
N GLU E 138 -8.63 19.74 -6.66
CA GLU E 138 -9.21 20.15 -5.38
C GLU E 138 -8.67 21.49 -4.92
N GLN E 139 -7.56 21.95 -5.49
CA GLN E 139 -6.91 23.20 -5.13
C GLN E 139 -6.97 24.24 -6.24
N GLY E 140 -7.79 24.02 -7.26
CA GLY E 140 -7.81 24.93 -8.40
C GLY E 140 -6.48 24.96 -9.12
N GLN E 141 -5.85 23.79 -9.30
CA GLN E 141 -4.53 23.69 -9.88
C GLN E 141 -4.53 22.55 -10.89
N ALA E 142 -3.45 22.47 -11.65
CA ALA E 142 -3.28 21.48 -12.71
C ALA E 142 -1.80 21.22 -12.91
N PRO E 143 -1.43 20.07 -13.48
CA PRO E 143 -0.02 19.81 -13.78
C PRO E 143 0.56 20.92 -14.65
N ILE E 144 1.85 21.18 -14.46
CA ILE E 144 2.57 22.12 -15.31
C ILE E 144 2.51 21.63 -16.75
N THR E 145 2.14 22.53 -17.66
CA THR E 145 2.14 22.21 -19.08
C THR E 145 3.53 22.39 -19.68
N PRO E 146 3.79 21.79 -20.86
CA PRO E 146 5.09 22.01 -21.50
C PRO E 146 5.35 23.47 -21.81
N GLN E 147 4.31 24.25 -22.12
CA GLN E 147 4.52 25.65 -22.43
C GLN E 147 4.92 26.44 -21.18
N GLN E 148 4.33 26.10 -20.03
CA GLN E 148 4.76 26.70 -18.77
C GLN E 148 6.21 26.36 -18.46
N GLY E 149 6.60 25.11 -18.70
CA GLY E 149 8.00 24.74 -18.53
C GLY E 149 8.92 25.57 -19.42
N GLN E 150 8.57 25.69 -20.70
CA GLN E 150 9.40 26.46 -21.62
C GLN E 150 9.45 27.94 -21.23
N ALA E 151 8.34 28.49 -20.74
CA ALA E 151 8.34 29.88 -20.32
C ALA E 151 9.24 30.12 -19.12
N LEU E 152 9.23 29.21 -18.14
CA LEU E 152 10.16 29.30 -17.02
C LEU E 152 11.61 29.21 -17.49
N ALA E 153 11.90 28.29 -18.41
CA ALA E 153 13.26 28.16 -18.91
C ALA E 153 13.74 29.45 -19.58
N LYS E 154 12.87 30.06 -20.40
CA LYS E 154 13.25 31.36 -20.97
C LYS E 154 13.43 32.40 -19.86
N GLN E 155 12.53 32.40 -18.87
CA GLN E 155 12.58 33.41 -17.82
C GLN E 155 13.89 33.38 -17.04
N ILE E 156 14.40 32.19 -16.74
CA ILE E 156 15.64 32.04 -15.97
C ILE E 156 16.84 31.83 -16.87
N HIS E 157 16.71 32.07 -18.17
CA HIS E 157 17.78 31.91 -19.15
C HIS E 157 18.45 30.54 -19.06
N ALA E 158 17.64 29.49 -18.91
CA ALA E 158 18.14 28.13 -19.00
C ALA E 158 18.55 27.81 -20.43
N VAL E 159 19.53 26.92 -20.57
CA VAL E 159 19.99 26.55 -21.90
C VAL E 159 18.91 25.79 -22.66
N ARG E 160 17.94 25.23 -21.94
CA ARG E 160 16.89 24.43 -22.57
C ARG E 160 15.94 23.99 -21.47
N TYR E 161 14.74 23.59 -21.88
CA TYR E 161 13.80 22.89 -21.04
C TYR E 161 13.67 21.46 -21.57
N LEU E 162 13.76 20.49 -20.66
CA LEU E 162 13.50 19.10 -21.00
C LEU E 162 12.54 18.50 -19.99
N GLU E 163 11.76 17.54 -20.43
CA GLU E 163 10.85 16.80 -19.58
C GLU E 163 11.26 15.34 -19.59
N CYS E 164 11.05 14.67 -18.46
CA CYS E 164 11.43 13.27 -18.34
C CYS E 164 10.54 12.57 -17.33
N SER E 165 10.56 11.24 -17.38
CA SER E 165 9.94 10.38 -16.38
C SER E 165 10.96 9.31 -16.01
N ALA E 166 11.39 9.32 -14.74
CA ALA E 166 12.27 8.26 -14.26
C ALA E 166 11.52 6.94 -14.15
N LEU E 167 10.27 7.00 -13.69
CA LEU E 167 9.45 5.79 -13.58
C LEU E 167 9.35 5.07 -14.92
N GLN E 168 9.12 5.81 -16.00
CA GLN E 168 8.96 5.21 -17.31
C GLN E 168 10.26 5.16 -18.11
N GLN E 169 11.38 5.58 -17.52
CA GLN E 169 12.66 5.64 -18.20
C GLN E 169 12.54 6.38 -19.53
N ASP E 170 11.92 7.55 -19.47
CA ASP E 170 11.55 8.35 -20.63
C ASP E 170 12.27 9.69 -20.55
N GLY E 171 13.23 9.92 -21.46
CA GLY E 171 13.86 11.22 -21.53
C GLY E 171 14.99 11.48 -20.55
N VAL E 172 15.45 10.44 -19.84
CA VAL E 172 16.43 10.63 -18.77
C VAL E 172 17.84 10.71 -19.35
N LYS E 173 18.19 9.80 -20.25
CA LYS E 173 19.50 9.87 -20.87
C LYS E 173 19.67 11.20 -21.60
N GLU E 174 18.58 11.73 -22.18
CA GLU E 174 18.64 12.98 -22.91
C GLU E 174 18.89 14.17 -22.00
N VAL E 175 18.49 14.09 -20.73
CA VAL E 175 18.78 15.18 -19.80
C VAL E 175 20.28 15.31 -19.58
N PHE E 176 20.94 14.18 -19.35
CA PHE E 176 22.37 14.24 -19.08
C PHE E 176 23.20 14.38 -20.34
N ALA E 177 22.71 13.92 -21.49
CA ALA E 177 23.36 14.30 -22.73
C ALA E 177 23.36 15.81 -22.90
N GLU E 178 22.22 16.44 -22.63
CA GLU E 178 22.13 17.89 -22.84
C GLU E 178 22.95 18.65 -21.83
N ALA E 179 23.05 18.14 -20.60
CA ALA E 179 23.93 18.75 -19.61
C ALA E 179 25.37 18.75 -20.09
N VAL E 180 25.83 17.62 -20.64
CA VAL E 180 27.19 17.54 -21.16
C VAL E 180 27.37 18.56 -22.28
N ARG E 181 26.36 18.67 -23.15
CA ARG E 181 26.47 19.57 -24.30
C ARG E 181 26.51 21.03 -23.88
N ALA E 182 25.86 21.37 -22.77
CA ALA E 182 25.95 22.74 -22.30
C ALA E 182 27.36 23.10 -21.89
N VAL E 183 28.18 22.11 -21.55
CA VAL E 183 29.56 22.35 -21.16
C VAL E 183 30.49 22.32 -22.37
N LEU E 184 30.36 21.29 -23.20
CA LEU E 184 31.27 21.06 -24.33
C LEU E 184 30.93 21.94 -25.53
N ASN E 185 29.65 22.23 -25.71
CA ASN E 185 29.15 22.97 -26.89
C ASN E 185 28.31 24.16 -26.44
N PRO E 186 28.87 25.09 -25.68
CA PRO E 186 28.02 26.18 -25.16
C PRO E 186 27.44 27.01 -26.29
N THR E 187 26.14 27.26 -26.20
CA THR E 187 25.47 28.15 -27.13
C THR E 187 25.28 29.51 -26.48
N PRO E 188 25.30 30.61 -27.24
CA PRO E 188 25.11 31.93 -26.62
C PRO E 188 23.78 32.06 -25.88
N MET F 2 19.69 3.40 22.22
CA MET F 2 21.08 3.03 22.41
C MET F 2 21.77 2.22 21.29
N PRO F 3 21.45 2.48 20.02
CA PRO F 3 22.09 1.72 18.95
C PRO F 3 23.55 2.08 18.83
N PRO F 4 24.36 1.19 18.28
CA PRO F 4 25.76 1.52 18.04
C PRO F 4 25.86 2.65 17.00
N PRO F 5 26.92 3.45 17.08
CA PRO F 5 27.04 4.55 16.12
C PRO F 5 27.27 4.01 14.71
N ALA F 6 26.86 4.81 13.73
CA ALA F 6 27.11 4.46 12.34
C ALA F 6 28.60 4.28 12.09
N ASP F 7 28.94 3.34 11.22
CA ASP F 7 30.33 3.16 10.85
C ASP F 7 30.77 4.12 9.77
N ILE F 8 29.85 4.89 9.18
CA ILE F 8 30.14 5.86 8.12
C ILE F 8 29.34 7.12 8.39
N VAL F 9 29.96 8.28 8.23
CA VAL F 9 29.27 9.57 8.37
C VAL F 9 29.64 10.44 7.17
N LYS F 10 28.64 11.10 6.57
CA LYS F 10 28.86 11.98 5.43
C LYS F 10 29.05 13.39 5.98
N VAL F 11 30.14 14.06 5.56
CA VAL F 11 30.46 15.40 6.03
C VAL F 11 30.90 16.24 4.85
N ALA F 12 30.79 17.56 5.03
CA ALA F 12 31.50 18.53 4.21
C ALA F 12 32.61 19.11 5.06
N ILE F 13 33.79 19.27 4.47
CA ILE F 13 34.92 19.84 5.19
C ILE F 13 35.41 21.06 4.44
N GLU F 14 35.57 22.16 5.16
CA GLU F 14 36.08 23.41 4.62
C GLU F 14 37.56 23.55 4.97
N TRP F 15 38.32 24.09 4.03
CA TRP F 15 39.71 24.49 4.27
C TRP F 15 39.84 25.89 3.70
N PRO F 16 39.83 26.94 4.53
CA PRO F 16 39.65 28.31 4.03
C PRO F 16 40.67 28.68 2.96
N GLY F 17 40.16 29.18 1.84
CA GLY F 17 40.98 29.47 0.70
C GLY F 17 41.10 28.36 -0.32
N ALA F 18 40.52 27.18 -0.05
CA ALA F 18 40.52 26.09 -1.02
C ALA F 18 39.09 25.63 -1.25
N TYR F 19 38.91 24.72 -2.21
CA TYR F 19 37.59 24.19 -2.50
C TYR F 19 37.16 23.20 -1.42
N PRO F 20 35.89 23.19 -1.01
CA PRO F 20 35.46 22.28 0.04
C PRO F 20 35.44 20.83 -0.44
N LYS F 21 35.56 19.91 0.53
CA LYS F 21 35.54 18.48 0.26
C LYS F 21 34.32 17.84 0.91
N LEU F 22 33.49 17.20 0.10
CA LEU F 22 32.38 16.39 0.62
C LEU F 22 32.82 14.94 0.59
N MET F 23 32.68 14.24 1.71
CA MET F 23 33.28 12.92 1.78
C MET F 23 32.55 12.08 2.80
N GLU F 24 32.78 10.76 2.73
CA GLU F 24 32.38 9.84 3.78
C GLU F 24 33.56 9.59 4.72
N ILE F 25 33.32 9.71 6.02
CA ILE F 25 34.31 9.43 7.04
C ILE F 25 34.09 7.99 7.52
N ASP F 26 35.11 7.16 7.41
CA ASP F 26 35.11 5.81 7.96
C ASP F 26 35.31 5.93 9.46
N GLN F 27 34.23 5.78 10.23
CA GLN F 27 34.31 5.92 11.67
C GLN F 27 35.09 4.80 12.35
N LYS F 28 35.51 3.77 11.60
CA LYS F 28 36.40 2.77 12.15
C LYS F 28 37.88 3.11 11.96
N LYS F 29 38.18 4.16 11.21
CA LYS F 29 39.57 4.61 11.12
C LYS F 29 39.83 5.70 12.16
N PRO F 30 41.00 5.68 12.79
CA PRO F 30 41.38 6.77 13.71
C PRO F 30 41.38 8.13 13.01
N LEU F 31 41.07 9.17 13.79
CA LEU F 31 40.98 10.52 13.22
C LEU F 31 42.27 10.93 12.52
N SER F 32 43.42 10.51 13.06
CA SER F 32 44.69 10.85 12.45
C SER F 32 44.79 10.31 11.03
N ALA F 33 44.27 9.09 10.80
CA ALA F 33 44.23 8.57 9.43
C ALA F 33 43.25 9.35 8.58
N ILE F 34 42.12 9.74 9.16
CA ILE F 34 41.16 10.56 8.44
C ILE F 34 41.77 11.92 8.11
N ILE F 35 42.46 12.52 9.08
CA ILE F 35 43.07 13.82 8.84
C ILE F 35 44.18 13.72 7.80
N LYS F 36 44.97 12.65 7.83
CA LYS F 36 45.95 12.44 6.77
C LYS F 36 45.28 12.34 5.41
N GLU F 37 44.16 11.61 5.34
CA GLU F 37 43.45 11.50 4.07
C GLU F 37 42.95 12.86 3.62
N VAL F 38 42.42 13.65 4.56
CA VAL F 38 41.86 14.95 4.24
C VAL F 38 42.96 15.92 3.80
N CYS F 39 44.08 15.94 4.53
CA CYS F 39 45.21 16.79 4.16
C CYS F 39 45.77 16.41 2.80
N ASP F 40 45.83 15.11 2.51
CA ASP F 40 46.37 14.69 1.23
C ASP F 40 45.55 15.24 0.08
N GLY F 41 44.22 15.35 0.27
CA GLY F 41 43.36 15.83 -0.80
C GLY F 41 43.59 17.29 -1.14
N TRP F 42 44.07 18.07 -0.18
CA TRP F 42 44.44 19.47 -0.40
C TRP F 42 45.94 19.65 -0.52
N SER F 43 46.66 18.57 -0.83
CA SER F 43 48.11 18.61 -1.09
C SER F 43 48.89 19.17 0.10
N LEU F 44 48.49 18.75 1.30
CA LEU F 44 49.11 19.22 2.53
C LEU F 44 49.84 18.06 3.17
N ALA F 45 51.12 18.27 3.49
CA ALA F 45 51.86 17.32 4.31
C ALA F 45 51.72 17.76 5.77
N ASN F 46 52.49 17.16 6.67
CA ASN F 46 52.49 17.55 8.07
C ASN F 46 51.10 17.41 8.69
N HIS F 47 50.39 16.33 8.32
CA HIS F 47 49.04 16.18 8.83
C HIS F 47 48.98 16.16 10.35
N GLU F 48 50.11 15.89 11.03
CA GLU F 48 50.13 15.82 12.48
C GLU F 48 49.82 17.17 13.13
N TYR F 49 49.91 18.24 12.36
CA TYR F 49 49.68 19.58 12.88
C TYR F 49 48.25 20.04 12.68
N PHE F 50 47.38 19.19 12.13
CA PHE F 50 46.02 19.57 11.79
C PHE F 50 45.01 18.90 12.71
N ALA F 51 43.82 19.46 12.70
CA ALA F 51 42.67 18.93 13.44
C ALA F 51 41.42 19.32 12.67
N LEU F 52 40.32 18.66 13.01
CA LEU F 52 39.01 18.99 12.48
C LEU F 52 38.19 19.67 13.56
N GLN F 53 37.39 20.65 13.15
CA GLN F 53 36.57 21.45 14.06
C GLN F 53 35.18 21.58 13.48
N HIS F 54 34.17 21.61 14.36
CA HIS F 54 32.83 21.89 13.89
C HIS F 54 32.81 23.28 13.25
N ALA F 55 32.20 23.37 12.06
CA ALA F 55 32.17 24.64 11.34
C ALA F 55 31.10 25.59 11.85
N ASP F 56 30.05 25.06 12.47
CA ASP F 56 28.91 25.87 12.89
C ASP F 56 28.94 26.09 14.41
N SER F 57 27.99 26.90 14.88
CA SER F 57 27.79 27.32 16.27
C SER F 57 28.96 27.04 17.22
N SER F 58 29.18 25.76 17.55
CA SER F 58 30.03 25.43 18.68
C SER F 58 31.50 25.74 18.40
N ASN F 59 31.99 25.43 17.20
CA ASN F 59 33.41 25.47 16.88
C ASN F 59 34.23 24.58 17.81
N PHE F 60 33.61 23.50 18.30
CA PHE F 60 34.31 22.51 19.09
C PHE F 60 35.21 21.66 18.22
N TYR F 61 36.35 21.25 18.77
CA TYR F 61 37.26 20.37 18.05
C TYR F 61 36.71 18.94 18.06
N ILE F 62 36.91 18.25 16.94
CA ILE F 62 36.52 16.83 16.82
C ILE F 62 37.56 15.98 17.53
N THR F 63 37.09 15.04 18.34
CA THR F 63 37.96 14.13 19.10
C THR F 63 37.50 12.70 18.84
N GLU F 64 38.33 11.74 19.25
CA GLU F 64 37.88 10.35 19.19
C GLU F 64 36.64 10.14 20.03
N LYS F 65 36.49 10.88 21.13
CA LYS F 65 35.38 10.65 22.03
C LYS F 65 34.09 11.33 21.59
N ASN F 66 34.14 12.32 20.71
CA ASN F 66 32.91 12.99 20.29
C ASN F 66 32.56 12.75 18.83
N ARG F 67 33.43 12.11 18.06
CA ARG F 67 33.18 11.93 16.63
C ARG F 67 31.94 11.11 16.37
N ASN F 68 31.47 10.33 17.36
CA ASN F 68 30.26 9.56 17.17
C ASN F 68 29.00 10.40 17.28
N GLU F 69 29.13 11.67 17.69
CA GLU F 69 28.00 12.59 17.71
C GLU F 69 27.86 13.38 16.42
N ILE F 70 28.79 13.22 15.47
CA ILE F 70 28.71 13.88 14.17
C ILE F 70 27.58 13.25 13.38
N LYS F 71 26.65 14.07 12.90
CA LYS F 71 25.53 13.61 12.10
C LYS F 71 25.87 13.72 10.62
N ASN F 72 25.29 12.82 9.81
CA ASN F 72 25.36 12.98 8.36
C ASN F 72 24.96 14.39 7.98
N GLY F 73 25.78 15.03 7.14
CA GLY F 73 25.50 16.39 6.73
C GLY F 73 26.20 17.46 7.52
N THR F 74 26.89 17.08 8.59
CA THR F 74 27.66 18.02 9.39
C THR F 74 28.75 18.69 8.55
N ILE F 75 28.94 20.00 8.78
CA ILE F 75 30.03 20.75 8.15
C ILE F 75 31.17 20.92 9.16
N LEU F 76 32.37 20.48 8.78
CA LEU F 76 33.59 20.60 9.55
C LEU F 76 34.55 21.56 8.88
N ARG F 77 35.58 21.99 9.64
CA ARG F 77 36.65 22.85 9.16
C ARG F 77 37.97 22.19 9.49
N LEU F 78 38.87 22.12 8.49
CA LEU F 78 40.24 21.67 8.71
C LEU F 78 41.03 22.84 9.26
N THR F 79 41.73 22.64 10.37
CA THR F 79 42.40 23.75 11.04
C THR F 79 43.70 23.23 11.66
N THR F 80 44.46 24.13 12.24
CA THR F 80 45.65 23.70 12.96
C THR F 80 45.24 23.22 14.35
N SER F 81 46.01 22.28 14.88
CA SER F 81 45.74 21.82 16.23
C SER F 81 46.05 22.92 17.24
N PRO F 82 45.31 22.98 18.35
CA PRO F 82 45.81 23.75 19.50
C PRO F 82 47.11 23.18 20.02
N ALA F 83 47.44 21.94 19.65
CA ALA F 83 48.72 21.32 19.92
C ALA F 83 49.87 22.20 19.42
N MET G 8 -26.92 -21.94 31.29
CA MET G 8 -26.53 -21.04 30.21
C MET G 8 -26.89 -21.63 28.86
N GLN G 9 -27.71 -20.91 28.10
CA GLN G 9 -28.15 -21.38 26.80
C GLN G 9 -27.04 -21.25 25.77
N SER G 10 -26.98 -22.21 24.85
CA SER G 10 -26.07 -22.17 23.72
C SER G 10 -26.87 -21.98 22.44
N ILE G 11 -26.37 -21.09 21.57
CA ILE G 11 -27.02 -20.78 20.31
C ILE G 11 -26.00 -20.97 19.19
N LYS G 12 -26.37 -21.72 18.15
CA LYS G 12 -25.48 -21.92 17.02
C LYS G 12 -25.91 -20.99 15.89
N CYS G 13 -24.97 -20.19 15.41
CA CYS G 13 -25.23 -19.21 14.36
C CYS G 13 -24.20 -19.41 13.26
N VAL G 14 -24.67 -19.53 12.02
CA VAL G 14 -23.81 -19.79 10.85
C VAL G 14 -23.90 -18.57 9.93
N VAL G 15 -22.74 -18.06 9.51
CA VAL G 15 -22.65 -16.90 8.64
C VAL G 15 -22.29 -17.37 7.24
N VAL G 16 -23.12 -17.00 6.25
CA VAL G 16 -22.92 -17.37 4.86
C VAL G 16 -23.03 -16.14 3.99
N GLY G 17 -22.53 -16.28 2.76
CA GLY G 17 -22.56 -15.23 1.77
C GLY G 17 -21.36 -15.35 0.86
N ASP G 18 -21.37 -14.52 -0.20
CA ASP G 18 -20.38 -14.58 -1.27
C ASP G 18 -18.97 -14.38 -0.73
N GLY G 19 -18.00 -14.87 -1.49
CA GLY G 19 -16.61 -14.61 -1.15
C GLY G 19 -16.34 -13.11 -1.07
N ALA G 20 -15.62 -12.72 -0.01
CA ALA G 20 -15.06 -11.38 0.15
C ALA G 20 -16.10 -10.33 0.54
N VAL G 21 -17.28 -10.73 1.00
CA VAL G 21 -18.27 -9.72 1.41
C VAL G 21 -18.04 -9.21 2.82
N GLY G 22 -17.19 -9.86 3.61
CA GLY G 22 -16.94 -9.36 4.96
C GLY G 22 -17.32 -10.29 6.10
N LYS G 23 -17.62 -11.57 5.78
CA LYS G 23 -18.10 -12.49 6.81
C LYS G 23 -17.07 -12.70 7.90
N THR G 24 -15.84 -13.05 7.52
CA THR G 24 -14.79 -13.32 8.49
C THR G 24 -14.49 -12.08 9.34
N CYS G 25 -14.37 -10.91 8.70
CA CYS G 25 -14.10 -9.71 9.48
C CYS G 25 -15.25 -9.38 10.43
N LEU G 26 -16.48 -9.66 10.01
CA LEU G 26 -17.62 -9.51 10.90
C LEU G 26 -17.42 -10.32 12.16
N LEU G 27 -16.99 -11.57 12.02
CA LEU G 27 -16.84 -12.45 13.17
C LEU G 27 -15.63 -12.06 14.02
N ILE G 28 -14.51 -11.72 13.38
CA ILE G 28 -13.34 -11.27 14.12
C ILE G 28 -13.63 -9.95 14.82
N CYS G 29 -14.32 -9.02 14.16
CA CYS G 29 -14.67 -7.75 14.79
C CYS G 29 -15.51 -7.99 16.04
N TYR G 30 -16.52 -8.84 15.93
CA TYR G 30 -17.41 -9.09 17.07
C TYR G 30 -16.65 -9.74 18.22
N THR G 31 -15.68 -10.58 17.91
CA THR G 31 -15.07 -11.51 18.84
C THR G 31 -13.72 -11.06 19.40
N THR G 32 -12.98 -10.22 18.67
CA THR G 32 -11.67 -9.75 19.13
C THR G 32 -11.50 -8.24 19.08
N ASN G 33 -12.47 -7.51 18.54
CA ASN G 33 -12.35 -6.06 18.36
C ASN G 33 -11.17 -5.71 17.44
N ALA G 34 -10.95 -6.54 16.42
CA ALA G 34 -9.88 -6.34 15.45
C ALA G 34 -10.45 -6.38 14.04
N PHE G 35 -9.59 -6.06 13.07
CA PHE G 35 -10.00 -5.97 11.68
C PHE G 35 -8.82 -6.22 10.75
N PRO G 36 -8.78 -7.38 10.08
CA PRO G 36 -7.68 -7.65 9.12
C PRO G 36 -7.95 -6.99 7.79
N LYS G 37 -6.99 -6.19 7.32
CA LYS G 37 -7.13 -5.53 6.02
C LYS G 37 -6.97 -6.51 4.87
N GLU G 38 -6.11 -7.50 5.02
CA GLU G 38 -5.85 -8.47 3.96
C GLU G 38 -7.02 -9.46 3.82
N TYR G 39 -7.35 -9.82 2.57
CA TYR G 39 -8.33 -10.86 2.32
C TYR G 39 -7.64 -12.23 2.41
N ILE G 40 -8.09 -13.04 3.36
CA ILE G 40 -7.54 -14.36 3.60
C ILE G 40 -8.69 -15.36 3.50
N PRO G 41 -8.73 -16.19 2.46
CA PRO G 41 -9.89 -17.08 2.27
C PRO G 41 -10.11 -18.05 3.43
N THR G 42 -11.37 -18.42 3.60
CA THR G 42 -11.85 -19.20 4.73
C THR G 42 -12.08 -20.66 4.32
N VAL G 43 -11.86 -21.58 5.26
CA VAL G 43 -12.31 -22.94 5.07
C VAL G 43 -13.54 -23.10 5.94
N PHE G 44 -13.33 -23.24 7.25
CA PHE G 44 -14.38 -23.00 8.23
C PHE G 44 -13.71 -22.61 9.53
N ASP G 45 -14.47 -21.95 10.41
CA ASP G 45 -13.97 -21.63 11.73
C ASP G 45 -15.15 -21.57 12.68
N ASN G 46 -14.90 -21.98 13.93
CA ASN G 46 -15.88 -21.94 15.00
C ASN G 46 -15.39 -20.93 16.04
N TYR G 47 -16.05 -19.78 16.11
CA TYR G 47 -15.75 -18.79 17.13
C TYR G 47 -16.74 -18.90 18.27
N SER G 48 -16.29 -18.56 19.46
CA SER G 48 -17.17 -18.52 20.62
C SER G 48 -17.31 -17.09 21.10
N ALA G 49 -18.50 -16.77 21.58
CA ALA G 49 -18.78 -15.48 22.19
C ALA G 49 -19.76 -15.69 23.33
N GLN G 50 -19.58 -14.92 24.40
CA GLN G 50 -20.50 -14.94 25.53
C GLN G 50 -21.00 -13.50 25.68
N SER G 51 -22.23 -13.26 25.27
CA SER G 51 -22.81 -11.93 25.25
C SER G 51 -24.09 -11.92 26.06
N ALA G 52 -24.38 -10.77 26.67
CA ALA G 52 -25.58 -10.57 27.46
C ALA G 52 -26.55 -9.72 26.64
N VAL G 53 -27.60 -10.35 26.13
CA VAL G 53 -28.60 -9.69 25.29
C VAL G 53 -29.90 -9.59 26.08
N ASP G 54 -30.48 -8.39 26.08
CA ASP G 54 -31.78 -8.14 26.70
C ASP G 54 -31.83 -8.63 28.15
N GLY G 55 -30.68 -8.65 28.82
CA GLY G 55 -30.62 -9.05 30.21
C GLY G 55 -30.35 -10.53 30.44
N ARG G 56 -29.81 -11.24 29.45
CA ARG G 56 -29.62 -12.68 29.56
C ARG G 56 -28.36 -13.04 28.81
N THR G 57 -27.31 -13.44 29.55
CA THR G 57 -26.10 -13.92 28.90
C THR G 57 -26.36 -15.24 28.18
N VAL G 58 -25.77 -15.38 27.00
CA VAL G 58 -25.91 -16.58 26.19
C VAL G 58 -24.54 -16.92 25.64
N ASN G 59 -24.31 -18.21 25.41
CA ASN G 59 -23.13 -18.66 24.68
C ASN G 59 -23.49 -18.72 23.20
N LEU G 60 -22.74 -18.00 22.38
CA LEU G 60 -22.90 -18.02 20.93
C LEU G 60 -21.83 -18.92 20.32
N ASN G 61 -22.26 -19.95 19.60
CA ASN G 61 -21.32 -20.80 18.86
C ASN G 61 -21.45 -20.39 17.40
N LEU G 62 -20.55 -19.50 16.96
CA LEU G 62 -20.65 -18.90 15.65
C LEU G 62 -19.77 -19.64 14.66
N TRP G 63 -20.27 -19.82 13.44
CA TRP G 63 -19.54 -20.57 12.42
C TRP G 63 -19.31 -19.71 11.18
N ASP G 64 -18.05 -19.58 10.80
CA ASP G 64 -17.65 -18.97 9.54
C ASP G 64 -17.64 -20.01 8.43
N THR G 65 -18.01 -19.60 7.22
CA THR G 65 -18.07 -20.53 6.10
C THR G 65 -17.27 -19.96 4.95
N ALA G 66 -16.92 -20.85 4.01
CA ALA G 66 -16.34 -20.46 2.74
C ALA G 66 -17.43 -20.27 1.69
N GLY G 67 -17.45 -19.11 1.04
CA GLY G 67 -18.38 -18.83 -0.02
C GLY G 67 -18.05 -19.42 -1.37
N GLN G 68 -16.93 -20.12 -1.50
CA GLN G 68 -16.49 -20.65 -2.78
C GLN G 68 -17.23 -21.93 -3.14
N GLU G 69 -17.48 -22.09 -4.44
CA GLU G 69 -18.16 -23.28 -4.96
C GLU G 69 -17.40 -24.56 -4.60
N GLU G 70 -16.06 -24.48 -4.58
CA GLU G 70 -15.26 -25.65 -4.26
C GLU G 70 -15.60 -26.23 -2.90
N TYR G 71 -16.05 -25.40 -1.96
CA TYR G 71 -16.39 -25.85 -0.62
C TYR G 71 -17.90 -25.92 -0.38
N ASP G 72 -18.69 -26.11 -1.43
CA ASP G 72 -20.14 -26.17 -1.30
C ASP G 72 -20.59 -27.26 -0.30
N ARG G 73 -20.13 -28.50 -0.48
CA ARG G 73 -20.59 -29.56 0.40
C ARG G 73 -20.07 -29.36 1.82
N LEU G 74 -18.80 -28.99 1.99
CA LEU G 74 -18.26 -28.66 3.31
C LEU G 74 -19.11 -27.63 4.02
N ARG G 75 -19.51 -26.57 3.32
CA ARG G 75 -20.28 -25.51 3.93
C ARG G 75 -21.62 -26.05 4.43
N THR G 76 -22.33 -26.82 3.60
CA THR G 76 -23.65 -27.23 4.06
C THR G 76 -23.58 -28.32 5.12
N LEU G 77 -22.43 -28.98 5.27
CA LEU G 77 -22.25 -29.89 6.41
C LEU G 77 -22.24 -29.15 7.74
N SER G 78 -22.02 -27.82 7.74
CA SER G 78 -22.09 -27.08 8.99
C SER G 78 -23.51 -26.65 9.34
N TYR G 79 -24.46 -26.87 8.43
CA TYR G 79 -25.83 -26.37 8.62
C TYR G 79 -26.65 -27.15 9.66
N PRO G 80 -26.56 -28.47 9.77
CA PRO G 80 -27.43 -29.16 10.73
C PRO G 80 -27.25 -28.61 12.15
N GLN G 81 -28.35 -28.51 12.88
CA GLN G 81 -28.47 -28.05 14.26
C GLN G 81 -28.32 -26.55 14.40
N THR G 82 -28.28 -25.81 13.30
CA THR G 82 -28.18 -24.36 13.37
C THR G 82 -29.47 -23.76 13.93
N ASN G 83 -29.31 -22.74 14.77
CA ASN G 83 -30.45 -22.03 15.35
C ASN G 83 -30.78 -20.72 14.65
N VAL G 84 -29.83 -20.10 13.96
CA VAL G 84 -30.09 -18.86 13.25
C VAL G 84 -29.01 -18.70 12.18
N PHE G 85 -29.39 -18.20 11.02
CA PHE G 85 -28.46 -17.90 9.95
C PHE G 85 -28.30 -16.40 9.80
N VAL G 86 -27.10 -15.98 9.47
CA VAL G 86 -26.80 -14.64 9.01
C VAL G 86 -26.36 -14.74 7.56
N ILE G 87 -27.17 -14.21 6.64
CA ILE G 87 -26.80 -14.09 5.24
C ILE G 87 -26.27 -12.69 4.99
N CYS G 88 -25.06 -12.61 4.44
CA CYS G 88 -24.40 -11.33 4.19
C CYS G 88 -24.33 -11.06 2.70
N PHE G 89 -24.53 -9.79 2.36
CA PHE G 89 -24.08 -9.22 1.09
C PHE G 89 -23.33 -7.93 1.40
N SER G 90 -22.38 -7.60 0.53
CA SER G 90 -21.66 -6.33 0.66
C SER G 90 -22.47 -5.22 0.02
N ILE G 91 -22.58 -4.09 0.73
CA ILE G 91 -23.26 -2.92 0.18
C ILE G 91 -22.53 -2.42 -1.06
N ALA G 92 -21.23 -2.68 -1.17
CA ALA G 92 -20.42 -2.26 -2.32
C ALA G 92 -20.34 -3.31 -3.43
N SER G 93 -21.05 -4.44 -3.31
CA SER G 93 -21.05 -5.45 -4.36
C SER G 93 -22.49 -5.82 -4.71
N PRO G 94 -23.09 -5.16 -5.70
CA PRO G 94 -24.44 -5.52 -6.13
C PRO G 94 -24.56 -6.98 -6.53
N PRO G 95 -23.54 -7.59 -7.17
CA PRO G 95 -23.67 -9.03 -7.47
C PRO G 95 -23.81 -9.89 -6.22
N SER G 96 -23.19 -9.52 -5.10
CA SER G 96 -23.36 -10.32 -3.89
C SER G 96 -24.78 -10.21 -3.36
N TYR G 97 -25.45 -9.09 -3.62
CA TYR G 97 -26.86 -8.91 -3.27
C TYR G 97 -27.75 -9.82 -4.10
N GLU G 98 -27.54 -9.86 -5.42
CA GLU G 98 -28.32 -10.76 -6.26
C GLU G 98 -28.09 -12.22 -5.92
N ASN G 99 -26.91 -12.55 -5.39
CA ASN G 99 -26.64 -13.94 -5.03
C ASN G 99 -27.38 -14.37 -3.77
N VAL G 100 -27.88 -13.42 -2.97
CA VAL G 100 -28.76 -13.77 -1.87
C VAL G 100 -30.02 -14.44 -2.41
N ARG G 101 -30.66 -13.84 -3.42
CA ARG G 101 -31.82 -14.47 -4.04
C ARG G 101 -31.46 -15.73 -4.80
N HIS G 102 -30.31 -15.74 -5.49
CA HIS G 102 -29.98 -16.78 -6.45
C HIS G 102 -29.40 -18.02 -5.79
N LYS G 103 -28.62 -17.84 -4.73
CA LYS G 103 -27.87 -18.97 -4.17
C LYS G 103 -28.14 -19.13 -2.69
N TRP G 104 -27.96 -18.06 -1.92
CA TRP G 104 -27.84 -18.22 -0.47
C TRP G 104 -29.18 -18.54 0.17
N HIS G 105 -30.21 -17.73 -0.12
CA HIS G 105 -31.51 -18.03 0.45
C HIS G 105 -32.02 -19.41 0.06
N PRO G 106 -31.99 -19.82 -1.22
CA PRO G 106 -32.47 -21.18 -1.53
C PRO G 106 -31.66 -22.26 -0.85
N GLU G 107 -30.34 -22.05 -0.69
CA GLU G 107 -29.50 -23.10 -0.10
C GLU G 107 -29.81 -23.29 1.38
N VAL G 108 -29.82 -22.20 2.13
CA VAL G 108 -30.19 -22.26 3.55
C VAL G 108 -31.60 -22.84 3.72
N CYS G 109 -32.54 -22.35 2.93
CA CYS G 109 -33.91 -22.85 3.03
C CYS G 109 -34.00 -24.33 2.70
N HIS G 110 -33.19 -24.79 1.73
CA HIS G 110 -33.22 -26.18 1.34
C HIS G 110 -32.80 -27.10 2.49
N HIS G 111 -31.81 -26.69 3.27
CA HIS G 111 -31.28 -27.52 4.35
C HIS G 111 -31.97 -27.30 5.69
N CYS G 112 -32.38 -26.07 5.99
CA CYS G 112 -32.92 -25.68 7.29
C CYS G 112 -34.18 -24.85 7.10
N PRO G 113 -35.28 -25.47 6.65
CA PRO G 113 -36.46 -24.69 6.24
C PRO G 113 -37.03 -23.77 7.32
N ASP G 114 -37.01 -24.20 8.58
CA ASP G 114 -37.69 -23.48 9.64
C ASP G 114 -36.77 -22.54 10.42
N VAL G 115 -35.49 -22.47 10.09
CA VAL G 115 -34.51 -21.72 10.88
C VAL G 115 -34.52 -20.25 10.47
N PRO G 116 -34.58 -19.31 11.42
CA PRO G 116 -34.67 -17.89 11.04
C PRO G 116 -33.40 -17.39 10.37
N ILE G 117 -33.58 -16.41 9.47
CA ILE G 117 -32.51 -15.79 8.71
C ILE G 117 -32.48 -14.30 9.03
N LEU G 118 -31.30 -13.79 9.32
CA LEU G 118 -31.02 -12.36 9.43
C LEU G 118 -30.24 -11.93 8.20
N LEU G 119 -30.74 -10.95 7.49
CA LEU G 119 -30.06 -10.42 6.30
C LEU G 119 -29.21 -9.24 6.73
N VAL G 120 -27.93 -9.27 6.39
CA VAL G 120 -26.98 -8.27 6.87
C VAL G 120 -26.28 -7.67 5.67
N GLY G 121 -26.34 -6.34 5.55
CA GLY G 121 -25.54 -5.61 4.60
C GLY G 121 -24.22 -5.17 5.22
N THR G 122 -23.11 -5.66 4.68
CA THR G 122 -21.79 -5.40 5.23
C THR G 122 -21.12 -4.23 4.51
N LYS G 123 -20.02 -3.77 5.11
CA LYS G 123 -19.18 -2.70 4.56
C LYS G 123 -19.99 -1.41 4.35
N LYS G 124 -20.78 -1.05 5.37
CA LYS G 124 -21.60 0.15 5.32
C LYS G 124 -20.75 1.40 5.10
N ASP G 125 -19.49 1.35 5.52
CA ASP G 125 -18.61 2.51 5.36
C ASP G 125 -18.32 2.85 3.90
N LEU G 126 -18.49 1.90 2.98
CA LEU G 126 -18.14 2.16 1.58
C LEU G 126 -19.23 2.88 0.81
N ARG G 127 -20.43 3.02 1.39
CA ARG G 127 -21.55 3.61 0.68
C ARG G 127 -21.19 4.95 0.06
N ALA G 128 -20.32 5.72 0.72
CA ALA G 128 -19.94 7.04 0.26
C ALA G 128 -18.44 7.19 0.04
N GLN G 129 -17.71 6.10 -0.13
CA GLN G 129 -16.29 6.23 -0.46
C GLN G 129 -16.14 6.48 -1.95
N PRO G 130 -15.56 7.62 -2.36
CA PRO G 130 -15.50 7.94 -3.80
C PRO G 130 -14.79 6.89 -4.64
N ASP G 131 -13.80 6.19 -4.08
CA ASP G 131 -13.18 5.09 -4.81
C ASP G 131 -14.19 3.99 -5.10
N THR G 132 -15.04 3.67 -4.12
CA THR G 132 -16.10 2.70 -4.35
C THR G 132 -17.09 3.21 -5.38
N LEU G 133 -17.51 4.47 -5.24
CA LEU G 133 -18.52 5.03 -6.12
C LEU G 133 -18.05 5.05 -7.57
N ARG G 134 -16.74 5.26 -7.80
CA ARG G 134 -16.24 5.32 -9.17
C ARG G 134 -16.22 3.94 -9.80
N ARG G 135 -15.75 2.93 -9.07
CA ARG G 135 -15.70 1.58 -9.61
C ARG G 135 -17.07 1.09 -10.06
N LEU G 136 -18.10 1.34 -9.24
CA LEU G 136 -19.45 0.89 -9.59
C LEU G 136 -20.05 1.76 -10.68
N LYS G 137 -19.77 3.07 -10.66
CA LYS G 137 -20.35 3.97 -11.64
C LYS G 137 -19.92 3.62 -13.06
N GLU G 138 -18.73 3.05 -13.23
CA GLU G 138 -18.30 2.64 -14.55
C GLU G 138 -18.92 1.34 -15.00
N GLN G 139 -19.76 0.72 -14.16
CA GLN G 139 -20.52 -0.46 -14.52
C GLN G 139 -22.02 -0.22 -14.43
N GLY G 140 -22.44 1.04 -14.52
CA GLY G 140 -23.84 1.40 -14.46
C GLY G 140 -24.51 1.14 -13.12
N GLN G 141 -23.73 0.99 -12.06
CA GLN G 141 -24.26 0.52 -10.79
C GLN G 141 -23.84 1.46 -9.67
N ALA G 142 -24.41 1.23 -8.50
CA ALA G 142 -24.22 2.08 -7.33
C ALA G 142 -24.41 1.22 -6.09
N PRO G 143 -23.87 1.63 -4.95
CA PRO G 143 -24.01 0.82 -3.72
C PRO G 143 -25.46 0.55 -3.38
N ILE G 144 -25.69 -0.56 -2.67
CA ILE G 144 -27.04 -0.98 -2.33
C ILE G 144 -27.61 -0.04 -1.29
N THR G 145 -28.87 0.40 -1.52
CA THR G 145 -29.49 1.37 -0.62
C THR G 145 -30.11 0.66 0.56
N PRO G 146 -30.25 1.33 1.70
CA PRO G 146 -30.93 0.68 2.84
C PRO G 146 -32.34 0.21 2.50
N GLN G 147 -33.01 0.89 1.56
CA GLN G 147 -34.35 0.49 1.16
C GLN G 147 -34.33 -0.77 0.29
N GLN G 148 -33.30 -0.95 -0.52
CA GLN G 148 -33.19 -2.19 -1.29
C GLN G 148 -32.86 -3.38 -0.40
N GLY G 149 -32.05 -3.17 0.64
CA GLY G 149 -31.76 -4.26 1.57
C GLY G 149 -32.99 -4.66 2.35
N GLN G 150 -33.82 -3.69 2.73
CA GLN G 150 -35.06 -3.99 3.42
C GLN G 150 -36.03 -4.74 2.51
N ALA G 151 -36.12 -4.33 1.24
CA ALA G 151 -37.00 -5.03 0.31
C ALA G 151 -36.54 -6.48 0.13
N LEU G 152 -35.23 -6.70 0.03
CA LEU G 152 -34.70 -8.06 -0.16
C LEU G 152 -34.98 -8.93 1.05
N ALA G 153 -34.86 -8.37 2.26
CA ALA G 153 -35.17 -9.13 3.46
C ALA G 153 -36.63 -9.58 3.47
N LYS G 154 -37.55 -8.73 3.00
CA LYS G 154 -38.93 -9.17 2.89
C LYS G 154 -39.09 -10.26 1.84
N GLN G 155 -38.33 -10.17 0.74
CA GLN G 155 -38.46 -11.13 -0.34
C GLN G 155 -38.03 -12.53 0.11
N ILE G 156 -36.99 -12.61 0.94
CA ILE G 156 -36.52 -13.89 1.46
C ILE G 156 -37.06 -14.17 2.86
N HIS G 157 -38.04 -13.39 3.31
CA HIS G 157 -38.70 -13.63 4.59
C HIS G 157 -37.69 -13.68 5.74
N ALA G 158 -36.69 -12.81 5.67
CA ALA G 158 -35.74 -12.65 6.75
C ALA G 158 -36.43 -11.96 7.93
N VAL G 159 -35.92 -12.22 9.14
CA VAL G 159 -36.60 -11.62 10.29
C VAL G 159 -36.33 -10.13 10.36
N ARG G 160 -35.21 -9.68 9.81
CA ARG G 160 -34.85 -8.27 9.80
C ARG G 160 -33.71 -8.07 8.84
N TYR G 161 -33.54 -6.81 8.41
CA TYR G 161 -32.38 -6.37 7.66
C TYR G 161 -31.55 -5.46 8.55
N LEU G 162 -30.25 -5.70 8.59
CA LEU G 162 -29.33 -4.91 9.38
C LEU G 162 -28.15 -4.50 8.51
N GLU G 163 -27.58 -3.34 8.80
CA GLU G 163 -26.38 -2.87 8.15
C GLU G 163 -25.27 -2.73 9.18
N CYS G 164 -24.04 -3.02 8.76
CA CYS G 164 -22.91 -2.91 9.67
C CYS G 164 -21.64 -2.58 8.91
N SER G 165 -20.60 -2.23 9.67
CA SER G 165 -19.26 -2.08 9.13
C SER G 165 -18.27 -2.62 10.16
N ALA G 166 -17.58 -3.71 9.80
CA ALA G 166 -16.52 -4.21 10.67
C ALA G 166 -15.40 -3.19 10.82
N LEU G 167 -15.08 -2.49 9.74
CA LEU G 167 -13.97 -1.54 9.73
C LEU G 167 -14.15 -0.50 10.83
N GLN G 168 -15.32 0.12 10.88
CA GLN G 168 -15.59 1.17 11.86
C GLN G 168 -16.20 0.63 13.14
N GLN G 169 -16.43 -0.67 13.22
CA GLN G 169 -17.09 -1.32 14.36
C GLN G 169 -18.41 -0.63 14.64
N ASP G 170 -19.22 -0.57 13.58
CA ASP G 170 -20.50 0.14 13.52
C ASP G 170 -21.56 -0.93 13.31
N GLY G 171 -22.37 -1.20 14.33
CA GLY G 171 -23.49 -2.11 14.20
C GLY G 171 -23.15 -3.59 14.23
N VAL G 172 -21.93 -3.97 14.60
CA VAL G 172 -21.61 -5.39 14.62
C VAL G 172 -22.27 -6.07 15.82
N LYS G 173 -22.17 -5.45 16.99
CA LYS G 173 -22.82 -6.00 18.18
C LYS G 173 -24.33 -6.19 17.95
N GLU G 174 -24.95 -5.24 17.25
CA GLU G 174 -26.38 -5.27 16.94
C GLU G 174 -26.76 -6.48 16.08
N VAL G 175 -25.88 -6.85 15.15
CA VAL G 175 -26.16 -8.00 14.28
C VAL G 175 -26.33 -9.26 15.11
N PHE G 176 -25.41 -9.51 16.03
CA PHE G 176 -25.45 -10.76 16.77
C PHE G 176 -26.40 -10.68 17.97
N ALA G 177 -26.66 -9.48 18.49
CA ALA G 177 -27.77 -9.36 19.44
C ALA G 177 -29.09 -9.71 18.78
N GLU G 178 -29.32 -9.21 17.56
CA GLU G 178 -30.54 -9.51 16.81
C GLU G 178 -30.64 -10.99 16.47
N ALA G 179 -29.52 -11.63 16.18
CA ALA G 179 -29.55 -13.05 15.89
C ALA G 179 -29.97 -13.84 17.13
N VAL G 180 -29.49 -13.43 18.31
CA VAL G 180 -29.88 -14.12 19.53
C VAL G 180 -31.38 -13.93 19.77
N ARG G 181 -31.87 -12.71 19.55
CA ARG G 181 -33.30 -12.45 19.76
C ARG G 181 -34.16 -13.29 18.82
N ALA G 182 -33.64 -13.59 17.63
CA ALA G 182 -34.38 -14.40 16.68
C ALA G 182 -34.59 -15.82 17.19
N VAL G 183 -33.75 -16.28 18.12
CA VAL G 183 -33.85 -17.60 18.72
C VAL G 183 -34.61 -17.54 20.05
N LEU G 184 -34.28 -16.59 20.91
CA LEU G 184 -34.88 -16.58 22.25
C LEU G 184 -36.29 -16.03 22.27
N ASN G 185 -36.62 -15.14 21.34
CA ASN G 185 -37.97 -14.59 21.20
C ASN G 185 -38.27 -14.44 19.72
N PRO G 186 -38.65 -15.52 19.06
CA PRO G 186 -38.85 -15.46 17.61
C PRO G 186 -40.23 -14.99 17.19
N THR G 187 -40.45 -14.96 15.88
CA THR G 187 -41.77 -14.74 15.33
C THR G 187 -42.73 -15.82 15.82
N PRO G 188 -44.04 -15.54 15.84
CA PRO G 188 -45.09 -16.53 16.11
C PRO G 188 -44.91 -17.87 15.39
N MET H 2 11.00 -28.44 0.53
CA MET H 2 10.85 -29.24 1.74
C MET H 2 9.97 -28.66 2.89
N PRO H 3 9.00 -27.77 2.61
CA PRO H 3 8.15 -27.27 3.70
C PRO H 3 7.42 -28.42 4.37
N PRO H 4 7.40 -28.47 5.70
CA PRO H 4 6.78 -29.59 6.39
C PRO H 4 5.27 -29.49 6.35
N PRO H 5 4.56 -30.61 6.39
CA PRO H 5 3.10 -30.53 6.40
C PRO H 5 2.59 -29.86 7.67
N ALA H 6 1.40 -29.27 7.56
CA ALA H 6 0.77 -28.63 8.70
C ALA H 6 0.50 -29.61 9.84
N ASP H 7 0.61 -29.10 11.07
CA ASP H 7 0.36 -29.85 12.30
C ASP H 7 -1.12 -29.98 12.63
N ILE H 8 -1.97 -29.30 11.89
CA ILE H 8 -3.41 -29.26 12.12
C ILE H 8 -4.06 -29.24 10.75
N VAL H 9 -5.11 -30.03 10.57
CA VAL H 9 -5.87 -30.00 9.33
C VAL H 9 -7.35 -29.97 9.66
N LYS H 10 -8.09 -29.13 8.93
CA LYS H 10 -9.54 -29.01 9.08
C LYS H 10 -10.24 -30.03 8.18
N VAL H 11 -11.15 -30.82 8.77
CA VAL H 11 -11.90 -31.85 8.06
C VAL H 11 -13.36 -31.82 8.52
N ALA H 12 -14.22 -32.40 7.70
CA ALA H 12 -15.58 -32.75 8.09
C ALA H 12 -15.69 -34.27 8.06
N ILE H 13 -16.39 -34.86 9.02
CA ILE H 13 -16.53 -36.31 9.10
C ILE H 13 -18.01 -36.65 9.17
N GLU H 14 -18.44 -37.61 8.34
CA GLU H 14 -19.83 -38.04 8.28
C GLU H 14 -19.97 -39.48 8.75
N TRP H 15 -21.12 -39.79 9.36
CA TRP H 15 -21.50 -41.13 9.81
C TRP H 15 -23.01 -41.30 9.65
N PRO H 16 -23.49 -42.39 9.04
CA PRO H 16 -24.94 -42.54 8.82
C PRO H 16 -25.73 -42.42 10.12
N GLY H 17 -26.76 -41.58 10.07
CA GLY H 17 -27.64 -41.37 11.20
C GLY H 17 -27.18 -40.32 12.16
N ALA H 18 -25.99 -39.76 11.97
CA ALA H 18 -25.44 -38.80 12.91
C ALA H 18 -25.22 -37.45 12.22
N TYR H 19 -25.09 -36.42 13.04
CA TYR H 19 -24.83 -35.10 12.50
C TYR H 19 -23.34 -34.97 12.15
N PRO H 20 -23.01 -34.30 11.06
CA PRO H 20 -21.60 -34.24 10.65
C PRO H 20 -20.76 -33.52 11.70
N LYS H 21 -19.50 -33.94 11.81
CA LYS H 21 -18.53 -33.37 12.74
C LYS H 21 -17.49 -32.60 11.94
N LEU H 22 -17.42 -31.30 12.18
CA LEU H 22 -16.36 -30.47 11.60
C LEU H 22 -15.33 -30.23 12.70
N MET H 23 -14.09 -30.64 12.47
CA MET H 23 -13.11 -30.57 13.55
C MET H 23 -11.72 -30.28 13.01
N GLU H 24 -10.80 -30.02 13.92
CA GLU H 24 -9.41 -29.84 13.57
C GLU H 24 -8.68 -31.10 14.04
N ILE H 25 -8.06 -31.80 13.10
CA ILE H 25 -7.29 -32.99 13.47
C ILE H 25 -5.90 -32.56 13.87
N ASP H 26 -5.52 -32.87 15.11
CA ASP H 26 -4.15 -32.66 15.57
C ASP H 26 -3.29 -33.76 14.96
N GLN H 27 -2.41 -33.39 14.01
CA GLN H 27 -1.62 -34.40 13.34
C GLN H 27 -0.54 -35.01 14.25
N LYS H 28 -0.37 -34.48 15.46
CA LYS H 28 0.54 -35.08 16.43
C LYS H 28 -0.12 -36.16 17.27
N LYS H 29 -1.46 -36.12 17.39
CA LYS H 29 -2.28 -37.07 18.11
C LYS H 29 -2.48 -38.34 17.25
N PRO H 30 -2.41 -39.51 17.86
CA PRO H 30 -2.56 -40.75 17.08
C PRO H 30 -3.94 -40.86 16.45
N LEU H 31 -3.97 -41.44 15.25
CA LEU H 31 -5.22 -41.61 14.52
C LEU H 31 -6.25 -42.39 15.35
N SER H 32 -5.80 -43.43 16.06
CA SER H 32 -6.72 -44.19 16.90
C SER H 32 -7.41 -43.28 17.92
N ALA H 33 -6.67 -42.31 18.47
CA ALA H 33 -7.26 -41.38 19.43
C ALA H 33 -8.21 -40.43 18.73
N ILE H 34 -7.90 -40.04 17.50
CA ILE H 34 -8.79 -39.21 16.72
C ILE H 34 -10.12 -39.93 16.49
N ILE H 35 -10.05 -41.21 16.14
CA ILE H 35 -11.28 -41.96 15.87
C ILE H 35 -12.04 -42.24 17.16
N LYS H 36 -11.33 -42.50 18.27
CA LYS H 36 -12.02 -42.65 19.55
C LYS H 36 -12.81 -41.39 19.90
N GLU H 37 -12.19 -40.22 19.77
CA GLU H 37 -12.91 -38.97 20.01
C GLU H 37 -14.14 -38.85 19.12
N VAL H 38 -13.99 -39.19 17.84
CA VAL H 38 -15.11 -39.08 16.91
C VAL H 38 -16.21 -40.08 17.27
N CYS H 39 -15.81 -41.30 17.66
CA CYS H 39 -16.80 -42.31 18.02
C CYS H 39 -17.53 -41.94 19.30
N ASP H 40 -16.81 -41.34 20.26
CA ASP H 40 -17.44 -40.99 21.53
C ASP H 40 -18.51 -39.92 21.34
N GLY H 41 -18.28 -38.98 20.43
CA GLY H 41 -19.27 -37.95 20.19
C GLY H 41 -20.53 -38.48 19.54
N TRP H 42 -20.40 -39.59 18.82
CA TRP H 42 -21.52 -40.23 18.15
C TRP H 42 -22.04 -41.45 18.91
N SER H 43 -21.56 -41.66 20.15
CA SER H 43 -21.97 -42.76 21.03
C SER H 43 -21.75 -44.13 20.38
N LEU H 44 -20.62 -44.28 19.70
CA LEU H 44 -20.24 -45.52 19.04
C LEU H 44 -19.22 -46.28 19.89
N ALA H 45 -19.50 -47.55 20.15
CA ALA H 45 -18.56 -48.40 20.88
C ALA H 45 -17.63 -49.14 19.91
N ASN H 46 -16.57 -49.72 20.47
CA ASN H 46 -15.56 -50.46 19.71
C ASN H 46 -14.96 -49.60 18.59
N HIS H 47 -14.32 -48.50 19.00
CA HIS H 47 -13.80 -47.55 18.02
C HIS H 47 -12.74 -48.16 17.11
N GLU H 48 -12.07 -49.24 17.55
CA GLU H 48 -11.08 -49.88 16.70
C GLU H 48 -11.69 -50.63 15.53
N TYR H 49 -13.02 -50.79 15.52
CA TYR H 49 -13.71 -51.35 14.37
C TYR H 49 -13.68 -50.43 13.15
N PHE H 50 -13.43 -49.13 13.35
CA PHE H 50 -13.64 -48.11 12.33
C PHE H 50 -12.34 -47.52 11.81
N ALA H 51 -12.43 -46.92 10.61
CA ALA H 51 -11.36 -46.19 9.98
C ALA H 51 -11.96 -44.93 9.36
N LEU H 52 -11.09 -43.97 9.00
CA LEU H 52 -11.51 -42.79 8.24
C LEU H 52 -11.15 -42.97 6.78
N GLN H 53 -12.05 -42.53 5.91
CA GLN H 53 -11.89 -42.71 4.48
C GLN H 53 -12.25 -41.41 3.78
N HIS H 54 -11.51 -41.10 2.72
CA HIS H 54 -11.87 -39.97 1.88
C HIS H 54 -13.27 -40.16 1.31
N ALA H 55 -14.04 -39.08 1.32
CA ALA H 55 -15.37 -39.08 0.73
C ALA H 55 -15.36 -38.66 -0.72
N ASP H 56 -14.20 -38.30 -1.28
CA ASP H 56 -14.15 -37.85 -2.67
C ASP H 56 -13.87 -39.05 -3.57
N SER H 57 -13.54 -38.77 -4.84
CA SER H 57 -13.36 -39.82 -5.83
C SER H 57 -12.20 -40.76 -5.49
N SER H 58 -11.32 -40.36 -4.58
CA SER H 58 -10.19 -41.21 -4.22
C SER H 58 -10.62 -42.45 -3.45
N ASN H 59 -11.59 -42.32 -2.54
CA ASN H 59 -11.99 -43.39 -1.62
C ASN H 59 -10.82 -43.97 -0.81
N PHE H 60 -9.69 -43.28 -0.75
CA PHE H 60 -8.55 -43.81 -0.01
C PHE H 60 -8.82 -43.81 1.48
N TYR H 61 -8.47 -44.91 2.13
CA TYR H 61 -8.42 -44.94 3.60
C TYR H 61 -7.29 -44.07 4.12
N ILE H 62 -7.56 -43.36 5.20
CA ILE H 62 -6.53 -42.61 5.91
C ILE H 62 -5.72 -43.59 6.76
N THR H 63 -4.41 -43.38 6.81
CA THR H 63 -3.51 -44.16 7.64
C THR H 63 -2.55 -43.21 8.36
N GLU H 64 -1.81 -43.74 9.36
CA GLU H 64 -0.81 -42.89 10.00
C GLU H 64 0.24 -42.43 9.02
N LYS H 65 0.45 -43.19 7.94
CA LYS H 65 1.46 -42.82 6.95
C LYS H 65 0.99 -41.78 5.95
N ASN H 66 -0.32 -41.72 5.65
CA ASN H 66 -0.77 -40.77 4.64
C ASN H 66 -1.54 -39.57 5.22
N ARG H 67 -1.77 -39.50 6.53
CA ARG H 67 -2.61 -38.43 7.07
C ARG H 67 -2.03 -37.05 6.81
N ASN H 68 -0.70 -36.93 6.70
CA ASN H 68 -0.17 -35.59 6.47
C ASN H 68 -0.39 -35.10 5.05
N GLU H 69 -0.96 -35.93 4.19
CA GLU H 69 -1.34 -35.50 2.85
C GLU H 69 -2.75 -34.93 2.79
N ILE H 70 -3.50 -35.00 3.90
CA ILE H 70 -4.86 -34.43 3.93
C ILE H 70 -4.77 -32.92 3.77
N LYS H 71 -5.64 -32.38 2.92
CA LYS H 71 -5.72 -30.95 2.69
C LYS H 71 -6.81 -30.35 3.57
N ASN H 72 -6.65 -29.07 3.93
CA ASN H 72 -7.68 -28.42 4.72
C ASN H 72 -9.01 -28.46 3.98
N GLY H 73 -10.08 -28.74 4.73
CA GLY H 73 -11.40 -28.80 4.15
C GLY H 73 -11.80 -30.12 3.53
N THR H 74 -10.99 -31.17 3.70
CA THR H 74 -11.36 -32.48 3.17
C THR H 74 -12.56 -33.06 3.91
N ILE H 75 -13.43 -33.73 3.17
CA ILE H 75 -14.56 -34.43 3.75
C ILE H 75 -14.20 -35.91 3.86
N LEU H 76 -14.33 -36.46 5.06
CA LEU H 76 -14.07 -37.86 5.33
C LEU H 76 -15.35 -38.54 5.77
N ARG H 77 -15.37 -39.87 5.71
CA ARG H 77 -16.42 -40.64 6.34
C ARG H 77 -15.81 -41.61 7.33
N LEU H 78 -16.49 -41.84 8.45
CA LEU H 78 -16.15 -42.93 9.34
C LEU H 78 -16.76 -44.20 8.75
N THR H 79 -15.99 -45.27 8.72
CA THR H 79 -16.40 -46.47 7.99
C THR H 79 -15.73 -47.69 8.60
N THR H 80 -16.24 -48.87 8.24
CA THR H 80 -15.67 -50.11 8.77
C THR H 80 -14.24 -50.25 8.30
N SER H 81 -13.35 -50.61 9.22
CA SER H 81 -11.95 -50.69 8.87
C SER H 81 -11.72 -51.86 7.91
N PRO H 82 -10.84 -51.70 6.94
CA PRO H 82 -10.55 -52.81 6.03
C PRO H 82 -9.81 -53.92 6.77
N ALA H 83 -10.06 -55.15 6.34
CA ALA H 83 -9.43 -56.32 6.94
C ALA H 83 -8.08 -56.63 6.29
#